data_4ZG8
#
_entry.id   4ZG8
#
_cell.length_a   75.600
_cell.length_b   110.340
_cell.length_c   113.020
_cell.angle_alpha   90.000
_cell.angle_beta   90.000
_cell.angle_gamma   90.000
#
_symmetry.space_group_name_H-M   'P 21 21 21'
#
loop_
_entity.id
_entity.type
_entity.pdbx_description
1 polymer Endoglucanase
2 non-polymer 'CALCIUM ION'
3 non-polymer 'SODIUM ION'
4 non-polymer 2-[BIS-(2-HYDROXY-ETHYL)-AMINO]-2-HYDROXYMETHYL-PROPANE-1,3-DIOL
5 non-polymer 'CHLORIDE ION'
6 water water
#
_entity_poly.entity_id   1
_entity_poly.type   'polypeptide(L)'
_entity_poly.pdbx_seq_one_letter_code
;AQYNYREVLQKSILFYAAQRSGQLPGNNPIDWRDDSALDDQGNGGEDLTGGWYDAGDHVKFGLPMAWTATTLIWGMIDLA
NGYGGDRNDAMQSVRWALDYFMKCHVSDNELYGQVGDGHADHAYWGRPEEMTMDRPAWSLTPSAPGSDLAGETAAALAAG
SILFSDSDASYANQLLDHARTIYDFAYNNRGIYSESIPNAADFYRSSAYEDELCWGALWLYRATGEQDYMDKANEFLPQG
RPWAFSWDSKEAGSLVLLTSFGNSNARAQLEDFLQSWFPGGDIHYTPLGLAWRDTWGSLRYSANSAFIALLAAEEGVLTS
QARTFARAQLDYMLGSTGRSFVVGFGTNPPLRPHHRAASCPDMPASCGWDQASDPAPNPQVLDGALVGGPDDQDNYNDDR
QDYISNEVACDYNAGFQGALAGILQL
;
_entity_poly.pdbx_strand_id   A,B
#
# COMPACT_ATOMS: atom_id res chain seq x y z
N ALA A 1 1.08 3.03 -34.76
CA ALA A 1 2.09 4.08 -35.06
C ALA A 1 3.49 3.74 -34.48
N GLN A 2 4.48 4.52 -34.91
CA GLN A 2 5.83 4.50 -34.31
C GLN A 2 6.03 5.70 -33.38
N TYR A 3 6.79 5.56 -32.30
CA TYR A 3 7.00 6.70 -31.41
C TYR A 3 8.46 7.13 -31.35
N ASN A 4 8.65 8.42 -31.08
CA ASN A 4 9.97 8.99 -30.96
C ASN A 4 10.53 8.77 -29.56
N TYR A 5 10.98 7.53 -29.34
CA TYR A 5 11.47 7.11 -28.05
C TYR A 5 12.62 7.98 -27.57
N ARG A 6 13.48 8.45 -28.48
CA ARG A 6 14.64 9.23 -28.12
C ARG A 6 14.22 10.58 -27.59
N GLU A 7 13.20 11.19 -28.18
CA GLU A 7 12.69 12.45 -27.68
C GLU A 7 12.18 12.28 -26.24
N VAL A 8 11.49 11.18 -25.97
CA VAL A 8 10.99 10.93 -24.62
C VAL A 8 12.16 10.77 -23.64
N LEU A 9 13.17 10.00 -24.00
CA LEU A 9 14.37 9.79 -23.20
C LEU A 9 15.00 11.12 -22.81
N GLN A 10 15.13 12.01 -23.77
CA GLN A 10 15.71 13.31 -23.54
C GLN A 10 14.82 14.16 -22.59
N LYS A 11 13.52 14.06 -22.75
CA LYS A 11 12.59 14.73 -21.85
C LYS A 11 12.64 14.14 -20.45
N SER A 12 12.81 12.82 -20.31
CA SER A 12 12.92 12.20 -18.99
C SER A 12 14.09 12.79 -18.22
N ILE A 13 15.21 13.01 -18.90
CA ILE A 13 16.38 13.63 -18.26
C ILE A 13 16.04 15.05 -17.79
N LEU A 14 15.25 15.77 -18.53
CA LEU A 14 14.77 17.10 -18.13
C LEU A 14 13.82 17.04 -16.95
N PHE A 15 13.04 15.98 -16.80
CA PHE A 15 12.24 15.78 -15.58
C PHE A 15 13.12 15.79 -14.35
N TYR A 16 14.22 15.00 -14.40
CA TYR A 16 15.11 14.93 -13.26
C TYR A 16 15.75 16.28 -13.02
N ALA A 17 16.02 17.06 -14.05
CA ALA A 17 16.57 18.41 -13.86
C ALA A 17 15.58 19.30 -13.09
N ALA A 18 14.29 19.12 -13.37
CA ALA A 18 13.25 19.89 -12.71
C ALA A 18 13.03 19.49 -11.24
N GLN A 19 13.53 18.31 -10.84
CA GLN A 19 13.43 17.82 -9.48
C GLN A 19 14.62 18.25 -8.63
N ARG A 20 15.61 18.93 -9.20
CA ARG A 20 16.82 19.26 -8.41
C ARG A 20 16.51 20.22 -7.27
N SER A 21 17.04 19.88 -6.11
CA SER A 21 17.12 20.75 -4.94
C SER A 21 18.55 21.31 -4.85
N GLY A 22 18.68 22.42 -4.09
CA GLY A 22 19.97 23.04 -3.83
C GLY A 22 20.35 24.12 -4.80
N GLN A 23 21.65 24.42 -4.84
CA GLN A 23 22.16 25.44 -5.72
C GLN A 23 22.31 24.84 -7.12
N LEU A 24 21.54 25.39 -8.04
CA LEU A 24 21.51 24.83 -9.38
C LEU A 24 22.68 25.38 -10.19
N PRO A 25 23.19 24.60 -11.12
CA PRO A 25 24.26 25.08 -11.95
C PRO A 25 23.81 26.12 -12.96
N GLY A 26 24.79 26.83 -13.48
CA GLY A 26 24.51 27.93 -14.40
C GLY A 26 23.80 27.45 -15.66
N ASN A 27 24.06 26.22 -16.08
CA ASN A 27 23.42 25.66 -17.29
C ASN A 27 22.07 24.98 -17.02
N ASN A 28 21.51 25.24 -15.84
CA ASN A 28 20.15 24.80 -15.51
C ASN A 28 19.22 24.99 -16.70
N PRO A 29 18.65 23.87 -17.22
CA PRO A 29 17.77 24.02 -18.41
C PRO A 29 16.30 24.31 -18.10
N ILE A 30 15.95 24.41 -16.82
CA ILE A 30 14.60 24.59 -16.39
C ILE A 30 14.41 26.05 -15.92
N ASP A 31 13.83 26.91 -16.75
CA ASP A 31 13.86 28.33 -16.43
C ASP A 31 12.97 28.78 -15.26
N TRP A 32 12.09 27.89 -14.87
CA TRP A 32 11.16 28.14 -13.77
C TRP A 32 11.64 27.55 -12.44
N ARG A 33 12.83 26.95 -12.44
CA ARG A 33 13.47 26.47 -11.21
C ARG A 33 14.72 27.30 -10.93
N ASP A 34 14.98 27.54 -9.64
CA ASP A 34 16.17 28.28 -9.24
C ASP A 34 16.68 27.64 -7.94
N ASP A 35 17.65 28.26 -7.31
CA ASP A 35 18.22 27.77 -6.05
C ASP A 35 17.14 27.63 -5.00
N SER A 36 17.23 26.57 -4.21
CA SER A 36 16.22 26.26 -3.20
C SER A 36 16.84 25.36 -2.13
N ALA A 37 16.28 25.45 -0.91
CA ALA A 37 16.66 24.55 0.18
C ALA A 37 18.16 24.58 0.42
N LEU A 38 18.69 25.81 0.42
CA LEU A 38 20.11 26.03 0.65
C LEU A 38 20.54 25.85 2.09
N ASP A 39 19.59 25.74 3.01
CA ASP A 39 19.92 25.54 4.41
C ASP A 39 19.75 24.09 4.85
N ASP A 40 19.47 23.18 3.93
CA ASP A 40 19.32 21.76 4.29
C ASP A 40 20.60 21.26 4.90
N GLN A 41 20.48 20.69 6.10
CA GLN A 41 21.63 20.30 6.88
C GLN A 41 21.27 19.28 7.93
N GLY A 42 22.31 18.56 8.37
CA GLY A 42 22.17 17.60 9.44
C GLY A 42 22.12 18.23 10.82
N ASN A 43 21.93 17.34 11.75
CA ASN A 43 21.86 17.75 13.15
C ASN A 43 23.20 18.16 13.71
N GLY A 44 24.29 17.82 13.04
CA GLY A 44 25.58 18.38 13.38
C GLY A 44 26.02 19.54 12.51
N GLY A 45 25.10 20.10 11.70
CA GLY A 45 25.43 21.19 10.80
C GLY A 45 25.99 20.78 9.46
N GLU A 46 25.98 19.48 9.19
CA GLU A 46 26.59 18.97 7.97
C GLU A 46 25.74 19.41 6.75
N ASP A 47 26.41 19.81 5.68
CA ASP A 47 25.73 20.27 4.46
C ASP A 47 24.98 19.07 3.89
N LEU A 48 23.67 19.22 3.73
CA LEU A 48 22.84 18.22 3.05
C LEU A 48 22.05 18.85 1.87
N THR A 49 22.63 19.86 1.26
CA THR A 49 22.03 20.47 0.12
C THR A 49 22.18 19.58 -1.11
N GLY A 50 21.24 19.72 -2.03
CA GLY A 50 21.27 18.96 -3.27
C GLY A 50 20.29 17.85 -3.23
N GLY A 51 20.49 16.89 -4.12
CA GLY A 51 19.54 15.79 -4.29
C GLY A 51 18.29 16.16 -5.06
N TRP A 52 17.41 15.17 -5.20
CA TRP A 52 16.16 15.37 -5.91
C TRP A 52 14.99 15.44 -4.92
N TYR A 53 14.09 16.39 -5.17
CA TYR A 53 12.79 16.34 -4.57
C TYR A 53 12.07 15.10 -5.05
N ASP A 54 11.29 14.47 -4.20
CA ASP A 54 10.74 13.16 -4.52
C ASP A 54 9.74 13.21 -5.65
N ALA A 55 8.79 14.09 -5.55
CA ALA A 55 7.59 14.01 -6.38
C ALA A 55 7.07 15.39 -6.71
N GLY A 56 5.80 15.70 -6.41
CA GLY A 56 5.31 17.05 -6.57
C GLY A 56 5.52 17.90 -5.33
N ASP A 57 6.24 17.36 -4.37
CA ASP A 57 6.55 17.92 -3.04
C ASP A 57 8.03 18.25 -2.97
N HIS A 58 8.50 18.59 -1.77
CA HIS A 58 9.87 19.03 -1.60
C HIS A 58 10.64 18.23 -0.56
N VAL A 59 10.14 17.05 -0.22
CA VAL A 59 10.85 16.14 0.66
C VAL A 59 11.94 15.41 -0.10
N LYS A 60 13.07 15.12 0.52
CA LYS A 60 14.15 14.29 0.00
C LYS A 60 14.05 12.96 0.72
N PHE A 61 13.37 12.00 0.05
CA PHE A 61 13.10 10.67 0.60
C PHE A 61 14.19 9.72 0.12
N GLY A 62 15.06 9.25 1.00
CA GLY A 62 16.27 8.55 0.61
C GLY A 62 16.08 7.22 -0.13
N LEU A 63 15.06 6.47 0.27
CA LEU A 63 14.86 5.13 -0.34
C LEU A 63 14.45 5.20 -1.83
N PRO A 64 13.40 5.89 -2.15
CA PRO A 64 13.09 6.00 -3.60
C PRO A 64 14.15 6.80 -4.33
N MET A 65 14.82 7.74 -3.69
CA MET A 65 15.83 8.52 -4.41
C MET A 65 16.99 7.62 -4.80
N ALA A 66 17.44 6.80 -3.85
CA ALA A 66 18.55 5.87 -4.11
C ALA A 66 18.15 4.79 -5.12
N TRP A 67 16.93 4.26 -5.01
CA TRP A 67 16.51 3.23 -5.99
C TRP A 67 16.45 3.82 -7.36
N THR A 68 15.91 5.03 -7.48
CA THR A 68 15.90 5.72 -8.75
C THR A 68 17.27 5.77 -9.35
N ALA A 69 18.24 6.24 -8.59
CA ALA A 69 19.61 6.32 -9.04
C ALA A 69 20.16 4.96 -9.49
N THR A 70 20.02 3.91 -8.69
CA THR A 70 20.55 2.61 -9.03
C THR A 70 19.96 2.14 -10.35
N THR A 71 18.66 2.32 -10.46
CA THR A 71 17.92 1.84 -11.63
C THR A 71 18.30 2.62 -12.89
N LEU A 72 18.39 3.93 -12.78
CA LEU A 72 18.87 4.74 -13.89
C LEU A 72 20.27 4.33 -14.30
N ILE A 73 21.15 4.13 -13.33
CA ILE A 73 22.55 3.82 -13.64
C ILE A 73 22.65 2.46 -14.30
N TRP A 74 21.84 1.50 -13.86
CA TRP A 74 21.82 0.15 -14.46
C TRP A 74 21.57 0.24 -15.95
N GLY A 75 20.59 1.06 -16.35
CA GLY A 75 20.33 1.25 -17.78
C GLY A 75 21.48 1.92 -18.50
N MET A 76 22.16 2.86 -17.87
CA MET A 76 23.26 3.53 -18.52
C MET A 76 24.48 2.58 -18.74
N ILE A 77 24.60 1.58 -17.89
CA ILE A 77 25.68 0.62 -17.97
C ILE A 77 25.32 -0.43 -19.05
N ASP A 78 24.18 -1.06 -18.87
CA ASP A 78 23.82 -2.23 -19.69
C ASP A 78 23.06 -1.93 -20.96
N LEU A 79 22.50 -0.74 -21.06
CA LEU A 79 21.78 -0.30 -22.28
C LEU A 79 22.45 0.95 -22.84
N ALA A 80 23.78 0.96 -22.76
CA ALA A 80 24.57 2.12 -23.15
C ALA A 80 24.36 2.51 -24.60
N ASN A 81 24.27 1.51 -25.49
CA ASN A 81 24.15 1.83 -26.90
C ASN A 81 22.83 2.52 -27.18
N GLY A 82 21.79 2.13 -26.46
CA GLY A 82 20.52 2.77 -26.61
C GLY A 82 20.52 4.23 -26.14
N TYR A 83 21.21 4.49 -25.02
CA TYR A 83 21.42 5.87 -24.62
C TYR A 83 22.11 6.71 -25.71
N GLY A 84 23.11 6.10 -26.34
CA GLY A 84 23.79 6.69 -27.50
C GLY A 84 24.30 8.06 -27.20
N GLY A 85 23.94 9.01 -28.05
CA GLY A 85 24.43 10.38 -27.88
C GLY A 85 23.88 11.14 -26.68
N ASP A 86 22.89 10.55 -25.99
CA ASP A 86 22.34 11.13 -24.74
C ASP A 86 22.94 10.53 -23.49
N ARG A 87 23.89 9.62 -23.65
CA ARG A 87 24.46 8.96 -22.48
C ARG A 87 25.21 9.93 -21.53
N ASN A 88 26.02 10.82 -22.09
CA ASN A 88 26.75 11.76 -21.25
C ASN A 88 25.80 12.66 -20.44
N ASP A 89 24.73 13.12 -21.08
N ASP A 89 24.74 13.13 -21.08
CA ASP A 89 23.73 13.93 -20.39
CA ASP A 89 23.73 13.93 -20.42
C ASP A 89 23.09 13.12 -19.25
C ASP A 89 23.09 13.13 -19.26
N ALA A 90 22.80 11.85 -19.50
CA ALA A 90 22.19 11.00 -18.51
C ALA A 90 23.14 10.77 -17.33
N MET A 91 24.42 10.62 -17.63
CA MET A 91 25.43 10.45 -16.58
C MET A 91 25.53 11.69 -15.70
N GLN A 92 25.62 12.86 -16.34
CA GLN A 92 25.73 14.09 -15.55
C GLN A 92 24.44 14.24 -14.73
N SER A 93 23.30 13.83 -15.27
CA SER A 93 22.01 13.91 -14.55
C SER A 93 22.05 13.16 -13.21
N VAL A 94 22.48 11.89 -13.25
CA VAL A 94 22.43 11.06 -12.07
C VAL A 94 23.53 11.43 -11.05
N ARG A 95 24.61 12.09 -11.49
CA ARG A 95 25.60 12.60 -10.57
C ARG A 95 24.96 13.45 -9.48
N TRP A 96 23.88 14.15 -9.80
CA TRP A 96 23.23 15.00 -8.81
C TRP A 96 22.82 14.17 -7.57
N ALA A 97 22.25 12.98 -7.82
CA ALA A 97 21.83 12.10 -6.76
C ALA A 97 23.03 11.50 -6.01
N LEU A 98 24.02 11.03 -6.76
CA LEU A 98 25.16 10.36 -6.18
C LEU A 98 25.92 11.32 -5.22
N ASP A 99 26.06 12.59 -5.63
CA ASP A 99 26.76 13.58 -4.82
C ASP A 99 26.03 13.73 -3.53
N TYR A 100 24.71 13.76 -3.59
CA TYR A 100 23.89 13.96 -2.41
C TYR A 100 24.07 12.75 -1.46
N PHE A 101 24.03 11.52 -1.97
CA PHE A 101 24.21 10.35 -1.09
C PHE A 101 25.52 10.43 -0.31
N MET A 102 26.58 10.87 -0.99
CA MET A 102 27.87 11.01 -0.35
C MET A 102 27.80 12.05 0.77
N LYS A 103 27.09 13.14 0.56
CA LYS A 103 26.90 14.10 1.68
C LYS A 103 26.11 13.51 2.82
N CYS A 104 25.10 12.73 2.51
CA CYS A 104 24.31 12.08 3.54
C CYS A 104 25.12 11.17 4.46
N HIS A 105 26.20 10.63 3.92
CA HIS A 105 27.04 9.68 4.61
C HIS A 105 28.07 10.45 5.43
N VAL A 106 27.61 10.99 6.54
CA VAL A 106 28.40 11.95 7.33
C VAL A 106 29.55 11.33 8.09
N SER A 107 29.37 10.06 8.45
CA SER A 107 30.41 9.27 9.07
C SER A 107 30.13 7.79 8.76
N ASP A 108 31.04 6.91 9.15
CA ASP A 108 30.98 5.53 8.67
C ASP A 108 29.65 4.89 8.96
N ASN A 109 29.13 5.11 10.18
CA ASN A 109 27.89 4.52 10.61
C ASN A 109 26.77 5.55 10.91
N GLU A 110 26.73 6.61 10.12
CA GLU A 110 25.61 7.54 10.15
C GLU A 110 25.28 7.94 8.72
N LEU A 111 24.02 7.70 8.32
CA LEU A 111 23.55 8.00 6.99
C LEU A 111 22.24 8.74 7.07
N TYR A 112 22.22 9.98 6.60
CA TYR A 112 20.96 10.74 6.55
C TYR A 112 20.06 10.10 5.52
N GLY A 113 18.80 9.87 5.92
CA GLY A 113 17.81 9.23 5.08
C GLY A 113 16.64 10.07 4.70
N GLN A 114 16.49 11.26 5.29
CA GLN A 114 15.36 12.12 4.93
C GLN A 114 15.69 13.54 5.26
N VAL A 115 15.32 14.46 4.40
CA VAL A 115 15.32 15.89 4.71
C VAL A 115 13.96 16.42 4.38
N GLY A 116 13.28 17.02 5.34
CA GLY A 116 11.92 17.45 5.22
C GLY A 116 10.96 16.57 5.96
N ASP A 117 9.96 17.18 6.62
CA ASP A 117 8.85 16.46 7.27
C ASP A 117 7.77 16.38 6.25
N GLY A 118 7.37 15.17 5.86
CA GLY A 118 6.39 15.07 4.82
C GLY A 118 5.09 15.78 5.08
N HIS A 119 4.64 15.78 6.33
CA HIS A 119 3.40 16.47 6.66
C HIS A 119 3.52 17.96 6.54
N ALA A 120 4.56 18.53 7.13
CA ALA A 120 4.79 19.99 7.01
C ALA A 120 5.04 20.42 5.59
N ASP A 121 5.72 19.55 4.87
CA ASP A 121 6.06 19.89 3.48
C ASP A 121 4.79 19.89 2.63
N HIS A 122 3.90 18.91 2.88
CA HIS A 122 2.71 18.80 2.07
C HIS A 122 1.62 19.78 2.43
N ALA A 123 1.75 20.41 3.63
CA ALA A 123 0.84 21.46 4.06
C ALA A 123 1.04 22.77 3.30
N TYR A 124 2.20 22.92 2.65
CA TYR A 124 2.55 24.07 1.86
C TYR A 124 2.27 23.80 0.39
N TRP A 125 1.79 24.82 -0.31
CA TRP A 125 1.77 24.78 -1.78
C TRP A 125 2.43 26.03 -2.29
N GLY A 126 3.46 25.87 -3.11
CA GLY A 126 4.21 27.00 -3.62
C GLY A 126 5.54 26.53 -4.17
N ARG A 127 6.35 27.49 -4.56
CA ARG A 127 7.66 27.20 -5.15
C ARG A 127 8.60 26.66 -4.11
N PRO A 128 9.49 25.72 -4.47
CA PRO A 128 10.47 25.29 -3.45
C PRO A 128 11.41 26.42 -3.08
N GLU A 129 11.64 27.34 -4.02
CA GLU A 129 12.55 28.48 -3.78
C GLU A 129 12.05 29.38 -2.68
N GLU A 130 10.76 29.32 -2.36
CA GLU A 130 10.13 30.24 -1.40
C GLU A 130 9.69 29.56 -0.09
N MET A 131 10.11 28.33 0.17
CA MET A 131 9.81 27.64 1.41
C MET A 131 10.45 28.33 2.59
N THR A 132 9.69 28.37 3.68
CA THR A 132 10.16 28.94 4.95
C THR A 132 9.96 28.02 6.10
N MET A 133 9.36 26.87 5.94
CA MET A 133 9.14 25.96 7.08
C MET A 133 10.41 25.23 7.48
N ASP A 134 10.43 24.80 8.73
CA ASP A 134 11.52 23.94 9.22
C ASP A 134 11.59 22.67 8.37
N ARG A 135 12.83 22.23 8.08
CA ARG A 135 13.08 21.05 7.28
C ARG A 135 13.99 20.12 8.13
N PRO A 136 13.38 19.34 9.02
CA PRO A 136 14.18 18.43 9.82
C PRO A 136 14.90 17.41 9.02
N ALA A 137 16.00 16.90 9.52
CA ALA A 137 16.80 15.86 8.88
C ALA A 137 16.93 14.70 9.80
N TRP A 138 16.75 13.48 9.32
CA TRP A 138 16.83 12.30 10.14
C TRP A 138 17.84 11.35 9.58
N SER A 139 18.63 10.73 10.45
CA SER A 139 19.64 9.76 10.06
C SER A 139 19.44 8.38 10.63
N LEU A 140 20.09 7.43 9.94
CA LEU A 140 20.23 6.07 10.37
C LEU A 140 21.55 5.90 11.07
N THR A 141 21.55 5.14 12.18
CA THR A 141 22.77 4.87 13.00
C THR A 141 22.60 3.45 13.53
N PRO A 142 23.62 2.92 14.22
CA PRO A 142 23.41 1.57 14.77
C PRO A 142 22.21 1.44 15.71
N SER A 143 21.87 2.49 16.45
CA SER A 143 20.72 2.41 17.32
C SER A 143 19.40 2.73 16.58
N ALA A 144 19.46 3.15 15.30
CA ALA A 144 18.29 3.41 14.53
C ALA A 144 18.59 2.98 13.11
N PRO A 145 18.60 1.67 12.87
CA PRO A 145 19.13 1.12 11.62
C PRO A 145 18.18 1.24 10.44
N GLY A 146 18.71 1.02 9.26
CA GLY A 146 17.83 0.94 8.04
C GLY A 146 18.55 0.29 6.90
N SER A 147 18.56 -1.04 6.95
CA SER A 147 19.27 -1.85 5.96
C SER A 147 18.78 -1.69 4.54
N ASP A 148 17.49 -1.38 4.44
CA ASP A 148 16.82 -1.15 3.18
C ASP A 148 17.35 0.16 2.52
N LEU A 149 17.20 1.28 3.19
CA LEU A 149 17.65 2.54 2.66
C LEU A 149 19.17 2.52 2.47
N ALA A 150 19.89 2.05 3.48
CA ALA A 150 21.36 2.00 3.37
C ALA A 150 21.81 1.02 2.27
N GLY A 151 21.20 -0.14 2.19
CA GLY A 151 21.58 -1.07 1.16
C GLY A 151 21.33 -0.55 -0.26
N GLU A 152 20.22 0.15 -0.43
CA GLU A 152 19.90 0.75 -1.72
C GLU A 152 20.88 1.86 -2.05
N THR A 153 21.23 2.66 -1.03
CA THR A 153 22.19 3.74 -1.25
C THR A 153 23.57 3.18 -1.66
N ALA A 154 23.97 2.10 -0.98
CA ALA A 154 25.18 1.40 -1.35
C ALA A 154 25.12 0.89 -2.80
N ALA A 155 23.96 0.35 -3.17
CA ALA A 155 23.82 -0.16 -4.54
C ALA A 155 24.03 0.95 -5.55
N ALA A 156 23.39 2.09 -5.28
CA ALA A 156 23.47 3.22 -6.21
C ALA A 156 24.92 3.64 -6.40
N LEU A 157 25.64 3.76 -5.30
CA LEU A 157 27.00 4.20 -5.33
C LEU A 157 27.93 3.17 -6.00
N ALA A 158 27.68 1.90 -5.73
CA ALA A 158 28.45 0.85 -6.40
C ALA A 158 28.17 0.81 -7.91
N ALA A 159 26.89 0.92 -8.28
CA ALA A 159 26.54 0.96 -9.71
C ALA A 159 27.22 2.18 -10.35
N GLY A 160 27.20 3.30 -9.66
CA GLY A 160 27.85 4.52 -10.12
C GLY A 160 29.35 4.33 -10.32
N SER A 161 29.99 3.59 -9.42
CA SER A 161 31.43 3.37 -9.57
C SER A 161 31.73 2.65 -10.87
N ILE A 162 30.87 1.75 -11.28
CA ILE A 162 31.01 1.05 -12.54
C ILE A 162 30.83 2.03 -13.69
N LEU A 163 29.75 2.77 -13.64
CA LEU A 163 29.42 3.71 -14.72
C LEU A 163 30.52 4.73 -14.98
N PHE A 164 31.09 5.27 -13.90
CA PHE A 164 32.04 6.38 -14.00
C PHE A 164 33.50 5.92 -14.09
N SER A 165 33.77 4.63 -13.98
CA SER A 165 35.15 4.41 -13.70
CA SER A 165 35.12 4.00 -14.05
C SER A 165 36.04 4.61 -15.03
N ASP A 166 35.49 4.56 -16.27
CA ASP A 166 36.32 4.90 -17.43
C ASP A 166 36.51 6.41 -17.57
N SER A 167 35.49 7.20 -17.29
CA SER A 167 35.56 8.63 -17.61
C SER A 167 36.06 9.50 -16.44
N ASP A 168 35.93 9.01 -15.22
CA ASP A 168 36.23 9.76 -14.03
C ASP A 168 36.60 8.83 -12.91
N ALA A 169 37.79 8.24 -13.04
CA ALA A 169 38.22 7.21 -12.11
C ALA A 169 38.31 7.69 -10.68
N SER A 170 38.75 8.93 -10.45
CA SER A 170 38.84 9.44 -9.08
CA SER A 170 38.84 9.44 -9.09
C SER A 170 37.44 9.52 -8.44
N TYR A 171 36.47 9.99 -9.21
CA TYR A 171 35.09 10.05 -8.70
C TYR A 171 34.58 8.62 -8.45
N ALA A 172 34.79 7.72 -9.40
CA ALA A 172 34.37 6.35 -9.21
C ALA A 172 34.93 5.70 -7.97
N ASN A 173 36.19 5.99 -7.69
CA ASN A 173 36.81 5.51 -6.49
C ASN A 173 36.13 6.06 -5.21
N GLN A 174 35.78 7.34 -5.21
CA GLN A 174 35.07 7.95 -4.07
CA GLN A 174 35.09 7.92 -4.05
C GLN A 174 33.72 7.23 -3.86
N LEU A 175 33.03 7.03 -4.95
CA LEU A 175 31.70 6.36 -4.90
C LEU A 175 31.84 4.97 -4.31
N LEU A 176 32.83 4.20 -4.79
CA LEU A 176 32.99 2.83 -4.31
C LEU A 176 33.41 2.78 -2.83
N ASP A 177 34.27 3.72 -2.39
CA ASP A 177 34.68 3.74 -0.98
CA ASP A 177 34.68 3.80 -0.99
C ASP A 177 33.43 3.94 -0.12
N HIS A 178 32.56 4.86 -0.50
CA HIS A 178 31.33 5.08 0.28
C HIS A 178 30.38 3.87 0.20
N ALA A 179 30.32 3.26 -0.98
CA ALA A 179 29.43 2.12 -1.15
C ALA A 179 29.80 0.99 -0.21
N ARG A 180 31.12 0.71 -0.15
CA ARG A 180 31.57 -0.40 0.73
C ARG A 180 31.17 -0.14 2.17
N THR A 181 31.42 1.08 2.66
CA THR A 181 31.16 1.42 4.06
C THR A 181 29.68 1.49 4.39
N ILE A 182 28.88 2.05 3.47
CA ILE A 182 27.46 2.06 3.66
C ILE A 182 26.86 0.64 3.66
N TYR A 183 27.34 -0.22 2.75
CA TYR A 183 26.83 -1.57 2.74
C TYR A 183 27.17 -2.30 4.06
N ASP A 184 28.39 -2.10 4.59
CA ASP A 184 28.75 -2.69 5.86
C ASP A 184 27.79 -2.22 6.98
N PHE A 185 27.43 -0.94 6.94
CA PHE A 185 26.48 -0.39 7.91
C PHE A 185 25.13 -1.10 7.76
N ALA A 186 24.69 -1.28 6.51
CA ALA A 186 23.40 -1.94 6.28
C ALA A 186 23.40 -3.41 6.72
N TYR A 187 24.49 -4.09 6.45
CA TYR A 187 24.60 -5.53 6.73
C TYR A 187 24.81 -5.82 8.21
N ASN A 188 25.53 -4.94 8.89
CA ASN A 188 25.86 -5.14 10.29
C ASN A 188 24.82 -4.62 11.25
N ASN A 189 23.90 -3.78 10.80
CA ASN A 189 22.88 -3.16 11.67
C ASN A 189 21.54 -3.32 10.99
N ARG A 190 20.79 -4.32 11.42
CA ARG A 190 19.63 -4.78 10.68
C ARG A 190 18.40 -4.07 11.19
N GLY A 191 17.63 -3.55 10.25
CA GLY A 191 16.33 -2.98 10.56
C GLY A 191 15.71 -2.25 9.38
N ILE A 192 14.45 -1.92 9.56
CA ILE A 192 13.62 -1.28 8.56
C ILE A 192 13.72 0.21 8.73
N TYR A 193 14.12 0.95 7.72
CA TYR A 193 14.47 2.37 7.94
C TYR A 193 13.25 3.21 8.37
N SER A 194 12.05 2.82 7.97
CA SER A 194 10.85 3.59 8.27
C SER A 194 10.33 3.35 9.69
N GLU A 195 10.94 2.41 10.40
CA GLU A 195 10.78 2.32 11.87
C GLU A 195 11.75 3.28 12.57
N SER A 196 12.93 3.44 12.03
CA SER A 196 13.93 4.36 12.56
C SER A 196 13.71 5.84 12.22
N ILE A 197 13.10 6.11 11.06
CA ILE A 197 12.65 7.40 10.63
C ILE A 197 11.14 7.32 10.53
N PRO A 198 10.43 7.50 11.63
CA PRO A 198 8.98 7.25 11.61
C PRO A 198 8.20 8.14 10.67
N ASN A 199 8.69 9.34 10.40
CA ASN A 199 7.98 10.22 9.44
C ASN A 199 7.80 9.48 8.10
N ALA A 200 8.80 8.72 7.71
CA ALA A 200 8.76 8.01 6.41
C ALA A 200 7.71 6.95 6.37
N ALA A 201 7.27 6.41 7.48
CA ALA A 201 6.29 5.32 7.51
C ALA A 201 4.91 5.72 7.02
N ASP A 202 4.69 7.04 6.84
CA ASP A 202 3.46 7.57 6.33
C ASP A 202 3.49 7.73 4.81
N PHE A 203 4.66 7.53 4.20
CA PHE A 203 4.90 7.90 2.79
C PHE A 203 5.59 6.81 1.96
N TYR A 204 6.67 6.27 2.46
CA TYR A 204 7.50 5.23 1.84
C TYR A 204 7.83 4.15 2.85
N ARG A 205 6.78 3.51 3.33
CA ARG A 205 6.91 2.41 4.28
C ARG A 205 7.59 1.27 3.62
N SER A 206 8.68 0.80 4.18
CA SER A 206 9.42 -0.33 3.61
C SER A 206 8.81 -1.62 4.09
N SER A 207 8.58 -2.56 3.17
CA SER A 207 8.02 -3.88 3.52
C SER A 207 9.05 -4.89 4.04
N ALA A 208 10.31 -4.71 3.69
CA ALA A 208 11.37 -5.67 4.03
C ALA A 208 12.70 -5.10 3.60
N TYR A 209 13.79 -5.55 4.27
CA TYR A 209 15.11 -5.11 3.89
C TYR A 209 15.99 -6.18 3.31
N GLU A 210 15.63 -7.46 3.41
CA GLU A 210 16.58 -8.49 2.94
C GLU A 210 16.81 -8.38 1.41
N ASP A 211 15.80 -7.91 0.69
CA ASP A 211 15.95 -7.79 -0.76
C ASP A 211 16.97 -6.71 -1.12
N GLU A 212 17.08 -5.65 -0.30
CA GLU A 212 18.11 -4.62 -0.52
C GLU A 212 19.46 -5.16 -0.14
N LEU A 213 19.54 -6.02 0.91
CA LEU A 213 20.81 -6.65 1.23
C LEU A 213 21.35 -7.55 0.08
N CYS A 214 20.45 -8.24 -0.61
CA CYS A 214 20.87 -9.03 -1.77
C CYS A 214 21.31 -8.12 -2.93
N TRP A 215 20.45 -7.15 -3.24
CA TRP A 215 20.66 -6.20 -4.35
C TRP A 215 21.95 -5.43 -4.20
N GLY A 216 22.18 -4.89 -3.00
CA GLY A 216 23.40 -4.15 -2.73
C GLY A 216 24.65 -5.03 -2.82
N ALA A 217 24.55 -6.25 -2.32
CA ALA A 217 25.68 -7.17 -2.43
C ALA A 217 25.99 -7.50 -3.90
N LEU A 218 24.93 -7.70 -4.69
CA LEU A 218 25.13 -7.99 -6.12
C LEU A 218 25.81 -6.82 -6.84
N TRP A 219 25.36 -5.60 -6.54
CA TRP A 219 26.00 -4.45 -7.13
C TRP A 219 27.46 -4.31 -6.70
N LEU A 220 27.74 -4.53 -5.41
CA LEU A 220 29.12 -4.50 -4.97
C LEU A 220 29.98 -5.62 -5.56
N TYR A 221 29.36 -6.78 -5.78
CA TYR A 221 30.07 -7.88 -6.50
C TYR A 221 30.42 -7.42 -7.92
N ARG A 222 29.45 -6.83 -8.60
CA ARG A 222 29.71 -6.34 -9.96
C ARG A 222 30.80 -5.27 -9.95
N ALA A 223 30.80 -4.41 -8.94
CA ALA A 223 31.73 -3.27 -8.88
C ALA A 223 33.12 -3.67 -8.45
N THR A 224 33.26 -4.77 -7.73
CA THR A 224 34.58 -5.14 -7.14
C THR A 224 35.13 -6.49 -7.60
N GLY A 225 34.26 -7.36 -8.05
CA GLY A 225 34.62 -8.75 -8.33
C GLY A 225 34.97 -9.60 -7.12
N GLU A 226 34.74 -9.08 -5.91
CA GLU A 226 35.11 -9.78 -4.71
C GLU A 226 34.08 -10.83 -4.29
N GLN A 227 34.53 -12.07 -4.20
CA GLN A 227 33.63 -13.21 -3.92
C GLN A 227 32.77 -13.06 -2.68
N ASP A 228 33.32 -12.40 -1.66
CA ASP A 228 32.57 -12.22 -0.42
C ASP A 228 31.21 -11.55 -0.65
N TYR A 229 31.12 -10.67 -1.64
CA TYR A 229 29.84 -10.08 -1.94
C TYR A 229 28.83 -11.08 -2.57
N MET A 230 29.30 -11.95 -3.44
CA MET A 230 28.42 -13.02 -3.90
C MET A 230 27.97 -13.94 -2.76
N ASP A 231 28.88 -14.21 -1.84
CA ASP A 231 28.52 -15.01 -0.69
C ASP A 231 27.42 -14.32 0.13
N LYS A 232 27.55 -13.00 0.30
CA LYS A 232 26.49 -12.23 1.00
C LYS A 232 25.17 -12.24 0.25
N ALA A 233 25.28 -12.07 -1.07
CA ALA A 233 24.05 -12.10 -1.86
C ALA A 233 23.33 -13.45 -1.69
N ASN A 234 24.11 -14.51 -1.66
CA ASN A 234 23.59 -15.84 -1.47
C ASN A 234 22.91 -16.11 -0.13
N GLU A 235 23.11 -15.20 0.84
CA GLU A 235 22.38 -15.25 2.10
C GLU A 235 20.94 -14.70 2.02
N PHE A 236 20.63 -14.00 0.93
CA PHE A 236 19.42 -13.24 0.80
C PHE A 236 18.73 -13.47 -0.53
N LEU A 237 18.79 -14.69 -1.08
CA LEU A 237 18.31 -14.91 -2.42
C LEU A 237 16.79 -14.71 -2.48
N PRO A 238 16.30 -14.14 -3.59
CA PRO A 238 14.85 -14.01 -3.72
C PRO A 238 14.11 -15.33 -3.58
N GLN A 239 12.99 -15.30 -2.87
CA GLN A 239 12.13 -16.45 -2.70
C GLN A 239 10.80 -16.18 -3.38
N GLY A 240 10.44 -17.10 -4.24
CA GLY A 240 9.17 -17.03 -4.97
C GLY A 240 9.19 -16.01 -6.07
N ARG A 241 7.99 -15.66 -6.51
CA ARG A 241 7.80 -14.71 -7.60
C ARG A 241 7.68 -13.29 -7.05
N PRO A 242 8.50 -12.36 -7.53
CA PRO A 242 8.29 -10.98 -7.14
C PRO A 242 6.92 -10.43 -7.55
N TRP A 243 6.24 -9.67 -6.70
CA TRP A 243 4.96 -9.02 -7.00
C TRP A 243 5.17 -7.95 -8.04
N ALA A 244 6.23 -7.16 -7.95
CA ALA A 244 6.58 -6.15 -8.94
C ALA A 244 8.02 -5.77 -8.68
N PHE A 245 8.59 -4.91 -9.51
CA PHE A 245 9.91 -4.28 -9.26
C PHE A 245 9.61 -2.84 -8.99
N SER A 246 10.17 -2.31 -7.85
CA SER A 246 9.86 -0.94 -7.45
C SER A 246 10.90 -0.45 -6.45
N TRP A 247 10.69 0.78 -5.98
CA TRP A 247 11.49 1.33 -4.90
C TRP A 247 11.48 0.49 -3.63
N ASP A 248 10.45 -0.34 -3.45
CA ASP A 248 10.26 -1.15 -2.24
C ASP A 248 10.85 -2.54 -2.41
N SER A 249 10.66 -3.13 -3.60
N SER A 249 10.76 -3.09 -3.62
CA SER A 249 11.01 -4.55 -3.83
CA SER A 249 11.06 -4.49 -3.83
C SER A 249 12.08 -4.68 -4.90
C SER A 249 12.08 -4.69 -4.90
N LYS A 250 13.20 -5.24 -4.53
CA LYS A 250 14.35 -5.39 -5.43
C LYS A 250 14.50 -6.76 -6.03
N GLU A 251 13.70 -7.72 -5.59
CA GLU A 251 13.91 -9.11 -6.03
C GLU A 251 14.01 -9.30 -7.55
N ALA A 252 13.09 -8.69 -8.30
CA ALA A 252 13.15 -8.93 -9.77
C ALA A 252 14.45 -8.44 -10.37
N GLY A 253 14.97 -7.34 -9.81
CA GLY A 253 16.25 -6.84 -10.28
C GLY A 253 17.37 -7.78 -9.92
N SER A 254 17.37 -8.24 -8.68
CA SER A 254 18.34 -9.22 -8.26
C SER A 254 18.29 -10.49 -9.16
N LEU A 255 17.07 -10.91 -9.53
CA LEU A 255 16.96 -12.07 -10.44
C LEU A 255 17.70 -11.87 -11.77
N VAL A 256 17.61 -10.67 -12.33
CA VAL A 256 18.34 -10.41 -13.58
C VAL A 256 19.86 -10.51 -13.33
N LEU A 257 20.35 -9.85 -12.24
CA LEU A 257 21.77 -9.85 -11.99
C LEU A 257 22.26 -11.28 -11.70
N LEU A 258 21.52 -11.98 -10.85
CA LEU A 258 21.85 -13.38 -10.56
C LEU A 258 21.89 -14.24 -11.84
N THR A 259 20.92 -14.02 -12.71
CA THR A 259 20.91 -14.76 -13.99
C THR A 259 22.17 -14.45 -14.80
N SER A 260 22.56 -13.18 -14.78
CA SER A 260 23.78 -12.77 -15.53
C SER A 260 25.04 -13.44 -15.04
N PHE A 261 25.04 -13.84 -13.76
CA PHE A 261 26.14 -14.52 -13.20
C PHE A 261 26.01 -16.04 -13.23
N GLY A 262 24.98 -16.56 -13.90
CA GLY A 262 24.86 -17.99 -14.03
C GLY A 262 24.05 -18.74 -12.98
N ASN A 263 23.27 -18.01 -12.19
CA ASN A 263 22.44 -18.66 -11.17
C ASN A 263 21.19 -19.28 -11.84
N SER A 264 21.14 -20.60 -11.88
CA SER A 264 20.09 -21.32 -12.60
CA SER A 264 20.10 -21.36 -12.58
C SER A 264 18.72 -21.15 -11.97
N ASN A 265 18.65 -21.20 -10.64
CA ASN A 265 17.38 -21.01 -9.98
C ASN A 265 16.81 -19.64 -10.32
N ALA A 266 17.69 -18.62 -10.28
CA ALA A 266 17.24 -17.29 -10.57
C ALA A 266 16.70 -17.12 -12.01
N ARG A 267 17.34 -17.79 -12.96
CA ARG A 267 16.90 -17.68 -14.31
C ARG A 267 15.48 -18.27 -14.47
N ALA A 268 15.22 -19.38 -13.81
CA ALA A 268 13.88 -19.95 -13.87
C ALA A 268 12.85 -19.07 -13.16
N GLN A 269 13.26 -18.48 -12.02
CA GLN A 269 12.39 -17.51 -11.35
C GLN A 269 12.05 -16.31 -12.19
N LEU A 270 13.05 -15.85 -12.94
CA LEU A 270 12.86 -14.70 -13.81
C LEU A 270 11.89 -15.02 -14.96
N GLU A 271 12.03 -16.22 -15.56
CA GLU A 271 11.11 -16.69 -16.57
C GLU A 271 9.67 -16.70 -16.00
N ASP A 272 9.52 -17.26 -14.79
CA ASP A 272 8.20 -17.35 -14.18
C ASP A 272 7.60 -15.93 -13.91
N PHE A 273 8.45 -14.99 -13.45
CA PHE A 273 7.99 -13.63 -13.28
C PHE A 273 7.50 -13.04 -14.60
N LEU A 274 8.35 -13.13 -15.65
CA LEU A 274 8.00 -12.50 -16.89
C LEU A 274 6.77 -13.04 -17.58
N GLN A 275 6.64 -14.36 -17.58
CA GLN A 275 5.50 -14.93 -18.29
C GLN A 275 4.20 -14.47 -17.67
N SER A 276 4.19 -14.16 -16.36
N SER A 276 4.24 -14.19 -16.36
CA SER A 276 2.96 -13.66 -15.71
CA SER A 276 3.07 -13.77 -15.66
C SER A 276 2.55 -12.25 -16.18
C SER A 276 2.62 -12.31 -16.06
N TRP A 277 3.56 -11.48 -16.55
CA TRP A 277 3.31 -10.15 -17.01
C TRP A 277 2.98 -10.04 -18.49
N PHE A 278 3.38 -11.06 -19.28
CA PHE A 278 3.03 -11.11 -20.70
C PHE A 278 1.53 -11.31 -20.85
N PRO A 279 0.97 -11.03 -22.02
CA PRO A 279 -0.43 -11.26 -22.20
C PRO A 279 -0.85 -12.68 -21.88
N GLY A 280 -2.00 -12.82 -21.24
CA GLY A 280 -2.46 -14.13 -20.85
C GLY A 280 -1.84 -14.73 -19.60
N GLY A 281 -1.18 -13.90 -18.82
CA GLY A 281 -0.60 -14.30 -17.55
C GLY A 281 -1.47 -13.99 -16.36
N ASP A 282 -0.87 -13.67 -15.23
CA ASP A 282 -1.62 -13.44 -14.01
C ASP A 282 -1.85 -11.93 -13.77
N ILE A 283 -1.10 -11.09 -14.43
CA ILE A 283 -1.22 -9.66 -14.29
C ILE A 283 -2.43 -9.17 -15.07
N HIS A 284 -3.30 -8.38 -14.50
CA HIS A 284 -4.45 -7.79 -15.20
C HIS A 284 -4.00 -6.96 -16.37
N TYR A 285 -4.64 -7.20 -17.52
CA TYR A 285 -4.50 -6.28 -18.64
C TYR A 285 -5.78 -5.45 -18.78
N THR A 286 -5.59 -4.14 -18.91
CA THR A 286 -6.68 -3.29 -19.21
C THR A 286 -7.21 -3.59 -20.64
N PRO A 287 -8.41 -3.12 -21.01
CA PRO A 287 -8.86 -3.45 -22.39
C PRO A 287 -7.94 -2.90 -23.49
N LEU A 288 -7.25 -1.78 -23.22
CA LEU A 288 -6.36 -1.18 -24.20
C LEU A 288 -4.91 -1.64 -24.05
N GLY A 289 -4.66 -2.61 -23.18
CA GLY A 289 -3.41 -3.31 -23.21
C GLY A 289 -2.34 -2.98 -22.19
N LEU A 290 -2.69 -2.23 -21.15
CA LEU A 290 -1.73 -1.95 -20.08
C LEU A 290 -1.72 -3.11 -19.06
N ALA A 291 -0.53 -3.59 -18.76
CA ALA A 291 -0.30 -4.54 -17.69
C ALA A 291 -0.36 -3.77 -16.36
N TRP A 292 -1.45 -4.02 -15.67
CA TRP A 292 -1.90 -3.17 -14.58
C TRP A 292 -1.73 -3.90 -13.26
N ARG A 293 -0.84 -3.43 -12.41
CA ARG A 293 -0.47 -4.10 -11.16
C ARG A 293 -1.28 -3.65 -9.93
N ASP A 294 -1.63 -2.36 -9.89
CA ASP A 294 -2.17 -1.77 -8.66
C ASP A 294 -2.74 -0.44 -8.97
N THR A 295 -3.58 0.03 -8.06
CA THR A 295 -4.14 1.34 -8.16
C THR A 295 -3.13 2.48 -8.30
N TRP A 296 -2.06 2.40 -7.52
N TRP A 296 -2.10 2.45 -7.47
CA TRP A 296 -1.10 3.50 -7.43
CA TRP A 296 -1.16 3.58 -7.41
C TRP A 296 0.06 3.35 -8.36
C TRP A 296 0.02 3.36 -8.34
N GLY A 297 0.31 4.35 -9.19
CA GLY A 297 1.47 4.28 -10.04
C GLY A 297 1.43 3.11 -11.02
N SER A 298 0.28 2.90 -11.68
CA SER A 298 0.16 1.76 -12.60
CA SER A 298 0.12 1.80 -12.60
C SER A 298 1.14 1.84 -13.75
N LEU A 299 1.37 3.03 -14.28
CA LEU A 299 2.33 3.13 -15.40
C LEU A 299 3.76 2.83 -14.92
N ARG A 300 4.09 3.34 -13.71
CA ARG A 300 5.40 3.04 -13.14
C ARG A 300 5.63 1.51 -13.00
N TYR A 301 4.62 0.79 -12.46
CA TYR A 301 4.85 -0.63 -12.28
C TYR A 301 5.07 -1.36 -13.63
N SER A 302 4.32 -0.96 -14.65
CA SER A 302 4.46 -1.54 -15.99
C SER A 302 5.85 -1.17 -16.56
N ALA A 303 6.26 0.09 -16.45
CA ALA A 303 7.55 0.51 -16.98
C ALA A 303 8.68 -0.25 -16.28
N ASN A 304 8.53 -0.42 -14.95
CA ASN A 304 9.54 -1.14 -14.22
C ASN A 304 9.69 -2.60 -14.70
N SER A 305 8.55 -3.24 -14.95
CA SER A 305 8.63 -4.57 -15.55
C SER A 305 9.12 -4.58 -17.02
N ALA A 306 8.79 -3.55 -17.77
CA ALA A 306 9.34 -3.43 -19.14
C ALA A 306 10.87 -3.35 -19.10
N PHE A 307 11.41 -2.58 -18.13
CA PHE A 307 12.84 -2.45 -17.98
C PHE A 307 13.45 -3.81 -17.63
N ILE A 308 12.89 -4.48 -16.61
CA ILE A 308 13.36 -5.83 -16.26
C ILE A 308 13.32 -6.74 -17.51
N ALA A 309 12.22 -6.68 -18.27
CA ALA A 309 12.08 -7.55 -19.44
C ALA A 309 13.18 -7.29 -20.48
N LEU A 310 13.50 -6.04 -20.72
CA LEU A 310 14.55 -5.70 -21.66
C LEU A 310 15.90 -6.20 -21.18
N LEU A 311 16.20 -6.02 -19.89
CA LEU A 311 17.47 -6.51 -19.36
C LEU A 311 17.53 -8.05 -19.34
N ALA A 312 16.40 -8.69 -19.05
CA ALA A 312 16.31 -10.14 -19.10
C ALA A 312 16.55 -10.66 -20.53
N ALA A 313 16.02 -9.95 -21.50
CA ALA A 313 16.20 -10.35 -22.89
C ALA A 313 17.66 -10.27 -23.30
N GLU A 314 18.41 -9.31 -22.76
CA GLU A 314 19.87 -9.25 -22.98
C GLU A 314 20.62 -10.49 -22.43
N GLU A 315 20.01 -11.17 -21.44
CA GLU A 315 20.55 -12.44 -20.92
C GLU A 315 20.02 -13.67 -21.67
N GLY A 316 19.29 -13.45 -22.75
CA GLY A 316 18.70 -14.56 -23.51
C GLY A 316 17.47 -15.17 -22.91
N VAL A 317 16.85 -14.44 -21.97
CA VAL A 317 15.64 -14.92 -21.27
C VAL A 317 14.38 -14.48 -22.00
N LEU A 318 13.63 -15.45 -22.55
CA LEU A 318 12.36 -15.20 -23.25
C LEU A 318 12.50 -14.01 -24.20
N THR A 319 13.58 -13.99 -24.99
CA THR A 319 14.12 -12.77 -25.54
C THR A 319 13.12 -11.96 -26.36
N SER A 320 12.58 -12.59 -27.43
CA SER A 320 11.67 -11.88 -28.30
CA SER A 320 11.70 -11.85 -28.30
C SER A 320 10.37 -11.47 -27.61
N GLN A 321 9.82 -12.37 -26.81
CA GLN A 321 8.57 -12.08 -26.15
C GLN A 321 8.70 -10.96 -25.12
N ALA A 322 9.85 -10.97 -24.45
CA ALA A 322 10.14 -9.91 -23.46
C ALA A 322 10.21 -8.54 -24.13
N ARG A 323 10.90 -8.47 -25.26
CA ARG A 323 10.98 -7.24 -26.00
C ARG A 323 9.66 -6.79 -26.55
N THR A 324 8.84 -7.76 -27.01
CA THR A 324 7.49 -7.42 -27.51
C THR A 324 6.63 -6.82 -26.37
N PHE A 325 6.71 -7.45 -25.21
CA PHE A 325 6.03 -6.92 -24.03
C PHE A 325 6.50 -5.50 -23.63
N ALA A 326 7.81 -5.31 -23.60
CA ALA A 326 8.33 -4.01 -23.24
C ALA A 326 7.84 -2.90 -24.17
N ARG A 327 7.91 -3.20 -25.48
CA ARG A 327 7.46 -2.25 -26.46
C ARG A 327 5.97 -1.94 -26.33
N ALA A 328 5.17 -2.98 -26.08
CA ALA A 328 3.75 -2.75 -25.96
C ALA A 328 3.47 -1.80 -24.77
N GLN A 329 4.13 -2.05 -23.68
CA GLN A 329 3.90 -1.21 -22.48
C GLN A 329 4.36 0.23 -22.68
N LEU A 330 5.57 0.40 -23.21
CA LEU A 330 6.06 1.75 -23.52
CA LEU A 330 6.06 1.74 -23.50
C LEU A 330 5.13 2.44 -24.51
N ASP A 331 4.64 1.70 -25.51
CA ASP A 331 3.77 2.32 -26.48
C ASP A 331 2.45 2.79 -25.85
N TYR A 332 1.97 2.05 -24.85
CA TYR A 332 0.76 2.51 -24.12
C TYR A 332 1.03 3.86 -23.42
N MET A 333 2.22 3.97 -22.83
CA MET A 333 2.58 5.20 -22.10
C MET A 333 2.71 6.38 -23.04
N LEU A 334 3.22 6.12 -24.27
CA LEU A 334 3.54 7.18 -25.19
C LEU A 334 2.39 7.63 -26.09
N GLY A 335 1.44 6.72 -26.36
CA GLY A 335 0.37 7.08 -27.26
C GLY A 335 -0.56 6.05 -27.87
N SER A 336 -0.43 4.75 -27.55
CA SER A 336 -1.23 3.78 -28.31
C SER A 336 -2.73 3.88 -28.05
N THR A 337 -3.15 4.48 -26.92
CA THR A 337 -4.59 4.68 -26.64
C THR A 337 -5.14 5.94 -27.31
N GLY A 338 -4.26 6.71 -27.95
CA GLY A 338 -4.59 7.97 -28.66
C GLY A 338 -4.16 9.22 -27.94
N ARG A 339 -3.58 9.07 -26.75
CA ARG A 339 -3.00 10.18 -26.00
C ARG A 339 -1.78 9.71 -25.23
N SER A 340 -0.88 10.64 -25.00
CA SER A 340 0.32 10.44 -24.19
C SER A 340 0.06 10.58 -22.67
N PHE A 341 0.78 9.73 -21.93
CA PHE A 341 0.82 9.86 -20.45
C PHE A 341 2.16 10.45 -20.00
N VAL A 342 2.91 11.05 -20.91
CA VAL A 342 4.18 11.70 -20.59
C VAL A 342 4.03 13.18 -20.77
N VAL A 343 4.20 13.94 -19.67
CA VAL A 343 4.03 15.37 -19.68
C VAL A 343 4.96 15.99 -20.74
N GLY A 344 4.41 16.94 -21.50
CA GLY A 344 5.23 17.58 -22.54
C GLY A 344 5.53 16.82 -23.81
N PHE A 345 4.94 15.65 -23.99
CA PHE A 345 5.24 14.80 -25.11
C PHE A 345 4.01 14.31 -25.78
N GLY A 346 4.09 14.27 -27.11
CA GLY A 346 3.12 13.52 -27.88
C GLY A 346 1.77 14.14 -28.03
N THR A 347 0.78 13.30 -28.32
CA THR A 347 -0.56 13.79 -28.58
C THR A 347 -1.33 13.92 -27.25
N ASN A 348 -1.89 15.10 -26.98
CA ASN A 348 -2.76 15.27 -25.80
CA ASN A 348 -2.71 15.35 -25.81
C ASN A 348 -2.11 14.76 -24.51
N PRO A 349 -0.90 15.28 -24.19
CA PRO A 349 -0.26 14.87 -22.93
C PRO A 349 -1.02 15.42 -21.72
N PRO A 350 -0.71 14.89 -20.53
CA PRO A 350 -1.25 15.50 -19.32
C PRO A 350 -0.82 16.95 -19.18
N LEU A 351 -1.77 17.82 -18.83
CA LEU A 351 -1.53 19.24 -18.73
C LEU A 351 -1.42 19.69 -17.28
N ARG A 352 -1.89 18.84 -16.37
CA ARG A 352 -2.01 19.28 -14.94
C ARG A 352 -1.45 18.21 -13.99
N PRO A 353 -0.23 17.76 -14.22
CA PRO A 353 0.39 16.83 -13.21
C PRO A 353 0.46 17.52 -11.82
N HIS A 354 0.39 16.67 -10.81
CA HIS A 354 0.40 17.15 -9.42
C HIS A 354 1.83 17.51 -9.04
N HIS A 355 2.18 18.77 -9.25
CA HIS A 355 3.55 19.21 -9.04
C HIS A 355 3.55 20.66 -8.65
N ARG A 356 4.05 20.95 -7.45
CA ARG A 356 3.96 22.33 -6.93
C ARG A 356 4.62 23.34 -7.86
N ALA A 357 5.90 23.15 -8.16
CA ALA A 357 6.57 24.16 -8.96
C ALA A 357 5.98 24.33 -10.37
N ALA A 358 5.62 23.23 -11.00
CA ALA A 358 5.03 23.36 -12.33
C ALA A 358 3.70 24.08 -12.34
N SER A 359 2.96 23.98 -11.25
CA SER A 359 1.68 24.61 -11.09
C SER A 359 1.74 26.10 -10.91
N CYS A 360 2.92 26.65 -10.68
CA CYS A 360 3.03 28.06 -10.36
C CYS A 360 3.19 28.91 -11.61
N PRO A 361 2.62 30.11 -11.60
CA PRO A 361 2.89 31.05 -12.69
C PRO A 361 4.34 31.51 -12.72
N ASP A 362 4.72 32.17 -13.79
CA ASP A 362 6.06 32.72 -13.90
C ASP A 362 6.32 33.69 -12.79
N MET A 363 7.55 33.67 -12.30
CA MET A 363 7.98 34.70 -11.41
C MET A 363 7.83 36.06 -12.09
N PRO A 364 7.53 37.12 -11.35
CA PRO A 364 7.50 37.17 -9.91
C PRO A 364 6.09 37.05 -9.28
N ALA A 365 5.13 36.49 -9.98
CA ALA A 365 3.78 36.31 -9.45
C ALA A 365 3.76 35.38 -8.26
N SER A 366 2.85 35.63 -7.31
CA SER A 366 2.72 34.76 -6.14
C SER A 366 2.19 33.38 -6.55
N CYS A 367 2.53 32.40 -5.74
CA CYS A 367 2.06 31.03 -5.93
C CYS A 367 1.67 30.46 -4.58
N GLY A 368 0.46 29.94 -4.48
CA GLY A 368 -0.08 29.35 -3.26
C GLY A 368 -1.14 28.32 -3.52
N TRP A 369 -1.95 27.98 -2.52
CA TRP A 369 -2.90 26.89 -2.62
C TRP A 369 -3.92 27.04 -3.75
N ASP A 370 -4.19 28.25 -4.22
CA ASP A 370 -5.09 28.40 -5.34
C ASP A 370 -4.52 27.75 -6.59
N GLN A 371 -3.20 27.67 -6.69
CA GLN A 371 -2.59 27.02 -7.84
C GLN A 371 -2.78 25.51 -7.83
N ALA A 372 -3.09 24.90 -6.68
CA ALA A 372 -3.35 23.46 -6.62
C ALA A 372 -4.64 23.08 -7.32
N SER A 373 -5.62 23.95 -7.23
CA SER A 373 -6.98 23.62 -7.66
C SER A 373 -7.43 24.28 -8.95
N ASP A 374 -6.55 25.03 -9.59
CA ASP A 374 -6.91 25.81 -10.79
C ASP A 374 -7.17 24.80 -11.94
N PRO A 375 -8.31 24.93 -12.61
CA PRO A 375 -8.59 24.03 -13.74
C PRO A 375 -7.77 24.32 -15.00
N ALA A 376 -7.04 25.42 -15.03
CA ALA A 376 -6.19 25.72 -16.18
C ALA A 376 -4.98 24.79 -16.25
N PRO A 377 -4.43 24.57 -17.46
CA PRO A 377 -3.19 23.84 -17.56
C PRO A 377 -2.09 24.44 -16.65
N ASN A 378 -1.21 23.56 -16.17
CA ASN A 378 -0.06 24.06 -15.44
C ASN A 378 0.65 25.11 -16.27
N PRO A 379 1.02 26.25 -15.66
CA PRO A 379 1.76 27.26 -16.42
C PRO A 379 3.14 26.80 -16.88
N GLN A 380 3.74 25.88 -16.16
CA GLN A 380 5.06 25.34 -16.57
C GLN A 380 4.86 23.89 -17.01
N VAL A 381 5.56 23.46 -18.06
CA VAL A 381 5.45 22.09 -18.57
C VAL A 381 6.58 21.26 -17.94
N LEU A 382 6.18 20.29 -17.12
CA LEU A 382 7.09 19.34 -16.47
C LEU A 382 7.50 18.25 -17.52
N ASP A 383 8.26 18.67 -18.52
CA ASP A 383 8.60 17.77 -19.61
C ASP A 383 9.18 16.48 -19.11
N GLY A 384 8.69 15.36 -19.65
CA GLY A 384 9.26 14.08 -19.39
C GLY A 384 8.61 13.22 -18.32
N ALA A 385 7.85 13.83 -17.42
CA ALA A 385 7.29 13.08 -16.31
C ALA A 385 6.22 12.08 -16.76
N LEU A 386 6.38 10.85 -16.29
CA LEU A 386 5.37 9.82 -16.47
C LEU A 386 4.36 9.91 -15.33
N VAL A 387 3.08 10.11 -15.61
CA VAL A 387 2.07 10.25 -14.57
C VAL A 387 1.67 8.88 -13.98
N GLY A 388 0.90 8.91 -12.90
CA GLY A 388 0.37 7.74 -12.24
C GLY A 388 -0.35 6.82 -13.24
N GLY A 389 -1.33 7.41 -13.91
CA GLY A 389 -1.94 6.70 -15.02
C GLY A 389 -3.34 6.22 -14.69
N PRO A 390 -3.87 5.34 -15.54
CA PRO A 390 -5.25 4.99 -15.49
C PRO A 390 -5.62 3.92 -14.46
N ASP A 391 -6.90 3.78 -14.28
CA ASP A 391 -7.44 2.67 -13.54
C ASP A 391 -7.46 1.39 -14.41
N ASP A 392 -8.02 0.32 -13.84
CA ASP A 392 -7.97 -0.99 -14.45
C ASP A 392 -8.85 -1.12 -15.69
N GLN A 393 -9.62 -0.09 -16.00
CA GLN A 393 -10.42 -0.06 -17.22
C GLN A 393 -10.03 1.09 -18.16
N ASP A 394 -8.79 1.56 -18.02
CA ASP A 394 -8.19 2.61 -18.85
C ASP A 394 -8.73 4.03 -18.57
N ASN A 395 -9.52 4.21 -17.51
CA ASN A 395 -10.04 5.55 -17.22
C ASN A 395 -8.94 6.37 -16.53
N TYR A 396 -8.83 7.63 -16.94
CA TYR A 396 -7.78 8.53 -16.43
C TYR A 396 -8.35 9.94 -16.45
N ASN A 397 -8.06 10.71 -15.39
CA ASN A 397 -8.46 12.12 -15.33
C ASN A 397 -7.21 12.99 -15.20
N ASP A 398 -7.09 13.98 -16.06
CA ASP A 398 -6.00 14.92 -16.00
C ASP A 398 -6.40 16.09 -15.07
N ASP A 399 -6.42 15.75 -13.78
CA ASP A 399 -6.86 16.63 -12.66
C ASP A 399 -5.72 16.68 -11.73
N ARG A 400 -5.26 17.89 -11.42
CA ARG A 400 -4.12 18.09 -10.53
C ARG A 400 -4.34 17.51 -9.15
N GLN A 401 -5.59 17.41 -8.74
CA GLN A 401 -5.86 16.87 -7.42
C GLN A 401 -6.39 15.44 -7.39
N ASP A 402 -6.35 14.77 -8.54
CA ASP A 402 -6.56 13.30 -8.63
C ASP A 402 -5.21 12.69 -8.48
N TYR A 403 -4.89 12.39 -7.22
CA TYR A 403 -3.57 11.95 -6.89
C TYR A 403 -3.21 10.63 -7.55
N ILE A 404 -4.21 9.76 -7.69
CA ILE A 404 -3.97 8.47 -8.30
C ILE A 404 -3.58 8.65 -9.77
N SER A 405 -4.32 9.48 -10.49
CA SER A 405 -4.10 9.68 -11.92
C SER A 405 -2.79 10.44 -12.21
N ASN A 406 -2.57 11.52 -11.43
CA ASN A 406 -1.68 12.60 -11.87
C ASN A 406 -0.49 12.87 -10.97
N GLU A 407 -0.21 11.94 -10.05
N GLU A 407 -0.21 11.99 -10.02
CA GLU A 407 1.08 11.91 -9.36
CA GLU A 407 1.09 12.08 -9.36
C GLU A 407 2.23 11.76 -10.35
C GLU A 407 2.20 11.86 -10.38
N VAL A 408 3.36 12.39 -10.06
CA VAL A 408 4.61 12.28 -10.78
C VAL A 408 5.64 12.00 -9.69
N ALA A 409 6.72 11.32 -10.00
CA ALA A 409 7.73 10.99 -8.97
C ALA A 409 9.04 10.55 -9.57
N CYS A 410 10.14 10.73 -8.90
CA CYS A 410 11.43 10.20 -9.30
C CYS A 410 11.31 8.72 -9.66
N ASP A 411 10.70 7.93 -8.85
CA ASP A 411 10.67 6.47 -9.04
C ASP A 411 9.81 6.11 -10.25
N TYR A 412 8.81 6.94 -10.56
CA TYR A 412 7.95 6.65 -11.73
C TYR A 412 8.72 6.72 -12.99
N ASN A 413 9.75 7.56 -13.06
CA ASN A 413 10.54 7.71 -14.29
C ASN A 413 11.71 6.80 -14.39
N ALA A 414 12.08 6.06 -13.36
CA ALA A 414 13.38 5.43 -13.33
C ALA A 414 13.47 4.21 -14.22
N GLY A 415 12.51 3.30 -14.11
CA GLY A 415 12.48 2.16 -15.00
C GLY A 415 12.14 2.59 -16.40
N PHE A 416 11.19 3.47 -16.50
CA PHE A 416 10.72 4.06 -17.76
C PHE A 416 11.89 4.57 -18.60
N GLN A 417 12.79 5.37 -18.03
CA GLN A 417 13.87 5.93 -18.81
C GLN A 417 14.78 4.83 -19.36
N GLY A 418 15.09 3.84 -18.53
CA GLY A 418 15.93 2.73 -18.96
C GLY A 418 15.24 1.90 -20.04
N ALA A 419 13.93 1.73 -19.90
CA ALA A 419 13.19 0.93 -20.89
C ALA A 419 13.23 1.66 -22.20
N LEU A 420 13.16 2.97 -22.24
CA LEU A 420 13.34 3.72 -23.49
C LEU A 420 14.67 3.47 -24.10
N ALA A 421 15.73 3.46 -23.32
CA ALA A 421 17.05 3.20 -23.84
C ALA A 421 17.11 1.77 -24.42
N GLY A 422 16.45 0.82 -23.75
CA GLY A 422 16.49 -0.56 -24.16
C GLY A 422 15.79 -0.73 -25.51
N ILE A 423 14.64 -0.05 -25.69
CA ILE A 423 13.93 -0.10 -26.95
C ILE A 423 14.74 0.57 -28.05
N LEU A 424 15.50 1.60 -27.73
CA LEU A 424 16.31 2.30 -28.72
C LEU A 424 17.46 1.43 -29.23
N GLN A 425 17.86 0.39 -28.52
CA GLN A 425 18.89 -0.43 -29.07
C GLN A 425 18.43 -1.64 -29.82
N LEU A 426 17.12 -1.78 -30.00
CA LEU A 426 16.62 -2.89 -30.83
C LEU A 426 16.70 -2.61 -32.35
N GLN B 2 -21.55 12.12 25.33
CA GLN B 2 -21.43 13.34 24.44
C GLN B 2 -22.11 13.24 23.08
N TYR B 3 -21.65 12.38 22.19
CA TYR B 3 -22.43 12.01 20.98
C TYR B 3 -23.31 10.86 21.38
N ASN B 4 -24.37 10.64 20.63
CA ASN B 4 -25.20 9.47 20.87
C ASN B 4 -24.51 8.22 20.22
N TYR B 5 -23.57 7.65 20.96
CA TYR B 5 -22.77 6.51 20.48
C TYR B 5 -23.65 5.30 20.21
N ARG B 6 -24.67 5.12 21.04
CA ARG B 6 -25.55 3.96 20.85
C ARG B 6 -26.31 3.98 19.51
N GLU B 7 -26.80 5.14 19.08
CA GLU B 7 -27.40 5.26 17.71
C GLU B 7 -26.41 4.88 16.63
N VAL B 8 -25.17 5.32 16.81
CA VAL B 8 -24.13 5.00 15.83
C VAL B 8 -23.89 3.48 15.80
N LEU B 9 -23.86 2.80 16.95
CA LEU B 9 -23.61 1.38 16.97
C LEU B 9 -24.75 0.64 16.27
N GLN B 10 -25.98 1.06 16.50
CA GLN B 10 -27.10 0.49 15.80
C GLN B 10 -27.04 0.69 14.28
N LYS B 11 -26.63 1.87 13.86
CA LYS B 11 -26.49 2.10 12.42
C LYS B 11 -25.36 1.24 11.84
N SER B 12 -24.26 1.06 12.57
CA SER B 12 -23.19 0.18 12.07
C SER B 12 -23.68 -1.24 11.78
N ILE B 13 -24.55 -1.76 12.62
CA ILE B 13 -25.12 -3.09 12.39
C ILE B 13 -25.93 -3.07 11.10
N LEU B 14 -26.64 -1.97 10.85
CA LEU B 14 -27.40 -1.84 9.60
C LEU B 14 -26.48 -1.72 8.38
N PHE B 15 -25.32 -1.12 8.55
CA PHE B 15 -24.36 -1.15 7.44
C PHE B 15 -24.05 -2.60 7.04
N TYR B 16 -23.76 -3.47 8.02
CA TYR B 16 -23.49 -4.87 7.66
C TYR B 16 -24.69 -5.58 7.00
N ALA B 17 -25.91 -5.22 7.39
CA ALA B 17 -27.11 -5.73 6.74
C ALA B 17 -27.13 -5.35 5.26
N ALA B 18 -26.73 -4.13 4.95
CA ALA B 18 -26.72 -3.64 3.59
C ALA B 18 -25.65 -4.28 2.74
N GLN B 19 -24.62 -4.83 3.37
CA GLN B 19 -23.58 -5.56 2.67
C GLN B 19 -23.88 -7.04 2.37
N ARG B 20 -25.03 -7.56 2.81
CA ARG B 20 -25.30 -8.98 2.61
C ARG B 20 -25.47 -9.38 1.15
N SER B 21 -24.78 -10.46 0.80
CA SER B 21 -25.01 -11.17 -0.47
C SER B 21 -25.86 -12.40 -0.20
N GLY B 22 -26.49 -12.95 -1.24
CA GLY B 22 -27.27 -14.15 -1.12
C GLY B 22 -28.75 -13.92 -0.94
N GLN B 23 -29.42 -14.95 -0.42
CA GLN B 23 -30.85 -14.89 -0.17
C GLN B 23 -31.03 -14.20 1.18
N LEU B 24 -31.65 -13.03 1.16
CA LEU B 24 -31.76 -12.27 2.38
C LEU B 24 -32.83 -12.85 3.27
N PRO B 25 -32.74 -12.56 4.58
CA PRO B 25 -33.80 -13.03 5.46
C PRO B 25 -35.11 -12.35 5.15
N GLY B 26 -36.19 -13.03 5.54
CA GLY B 26 -37.53 -12.46 5.44
C GLY B 26 -37.61 -11.08 6.11
N ASN B 27 -36.94 -10.93 7.27
CA ASN B 27 -36.94 -9.68 8.04
CA ASN B 27 -36.96 -9.68 8.03
C ASN B 27 -35.82 -8.69 7.65
N ASN B 28 -35.27 -8.84 6.46
CA ASN B 28 -34.30 -7.85 5.94
C ASN B 28 -34.74 -6.40 6.20
N PRO B 29 -33.95 -5.58 6.93
CA PRO B 29 -34.33 -4.19 7.25
C PRO B 29 -33.92 -3.16 6.20
N ILE B 30 -33.25 -3.60 5.15
CA ILE B 30 -32.77 -2.67 4.14
C ILE B 30 -33.66 -2.77 2.90
N ASP B 31 -34.49 -1.74 2.68
CA ASP B 31 -35.58 -1.91 1.71
C ASP B 31 -35.15 -1.85 0.25
N TRP B 32 -33.92 -1.37 0.03
CA TRP B 32 -33.36 -1.24 -1.29
C TRP B 32 -32.39 -2.40 -1.62
N ARG B 33 -32.29 -3.40 -0.75
CA ARG B 33 -31.53 -4.62 -1.03
C ARG B 33 -32.51 -5.79 -1.15
N ASP B 34 -32.21 -6.68 -2.07
CA ASP B 34 -32.97 -7.91 -2.20
C ASP B 34 -31.97 -9.01 -2.54
N ASP B 35 -32.47 -10.19 -2.84
CA ASP B 35 -31.68 -11.37 -3.11
C ASP B 35 -30.70 -11.13 -4.29
N SER B 36 -29.51 -11.68 -4.18
CA SER B 36 -28.45 -11.46 -5.14
C SER B 36 -27.42 -12.56 -5.05
N ALA B 37 -26.75 -12.78 -6.18
CA ALA B 37 -25.61 -13.71 -6.30
C ALA B 37 -26.03 -15.10 -5.82
N LEU B 38 -27.22 -15.50 -6.23
CA LEU B 38 -27.78 -16.75 -5.78
C LEU B 38 -27.11 -17.94 -6.43
N ASP B 39 -26.32 -17.76 -7.50
CA ASP B 39 -25.59 -18.94 -8.04
C ASP B 39 -24.11 -18.91 -7.75
N ASP B 40 -23.71 -18.16 -6.71
CA ASP B 40 -22.33 -18.23 -6.26
C ASP B 40 -22.02 -19.66 -5.81
N GLN B 41 -20.98 -20.22 -6.40
CA GLN B 41 -20.64 -21.63 -6.19
C GLN B 41 -19.16 -21.92 -6.49
N GLY B 42 -18.72 -23.01 -5.90
CA GLY B 42 -17.41 -23.49 -6.12
C GLY B 42 -17.28 -24.21 -7.43
N ASN B 43 -16.05 -24.64 -7.69
CA ASN B 43 -15.73 -25.32 -8.94
C ASN B 43 -16.21 -26.76 -8.93
N GLY B 44 -16.58 -27.30 -7.77
CA GLY B 44 -17.30 -28.58 -7.72
C GLY B 44 -18.81 -28.42 -7.55
N GLY B 45 -19.35 -27.22 -7.78
CA GLY B 45 -20.77 -26.97 -7.66
C GLY B 45 -21.21 -26.71 -6.22
N GLU B 46 -20.24 -26.50 -5.35
CA GLU B 46 -20.55 -26.31 -3.92
C GLU B 46 -21.25 -24.96 -3.70
N ASP B 47 -22.26 -24.93 -2.85
CA ASP B 47 -22.97 -23.68 -2.54
C ASP B 47 -22.04 -22.74 -1.81
N LEU B 48 -21.81 -21.56 -2.41
CA LEU B 48 -21.09 -20.47 -1.77
C LEU B 48 -21.89 -19.16 -1.64
N THR B 49 -23.22 -19.26 -1.51
CA THR B 49 -24.05 -18.09 -1.42
C THR B 49 -23.92 -17.55 -0.01
N GLY B 50 -24.18 -16.26 0.11
CA GLY B 50 -24.09 -15.60 1.38
C GLY B 50 -22.85 -14.78 1.51
N GLY B 51 -22.51 -14.46 2.75
CA GLY B 51 -21.39 -13.59 3.00
C GLY B 51 -21.67 -12.12 2.75
N TRP B 52 -20.66 -11.28 3.04
CA TRP B 52 -20.74 -9.83 2.84
C TRP B 52 -19.95 -9.40 1.62
N TYR B 53 -20.58 -8.56 0.78
CA TYR B 53 -19.84 -7.81 -0.20
C TYR B 53 -18.79 -6.95 0.51
N ASP B 54 -17.58 -6.86 -0.07
CA ASP B 54 -16.51 -6.24 0.69
C ASP B 54 -16.74 -4.76 0.95
N ALA B 55 -17.12 -4.00 -0.09
CA ALA B 55 -17.06 -2.55 -0.04
C ALA B 55 -18.20 -1.93 -0.82
N GLY B 56 -17.91 -1.03 -1.76
CA GLY B 56 -18.92 -0.49 -2.67
C GLY B 56 -19.15 -1.34 -3.92
N ASP B 57 -18.49 -2.50 -3.91
CA ASP B 57 -18.45 -3.49 -4.96
C ASP B 57 -19.16 -4.78 -4.53
N HIS B 58 -19.05 -5.84 -5.34
CA HIS B 58 -19.77 -7.10 -5.08
C HIS B 58 -18.87 -8.32 -5.04
N VAL B 59 -17.58 -8.09 -4.73
CA VAL B 59 -16.65 -9.17 -4.49
C VAL B 59 -16.75 -9.65 -3.05
N LYS B 60 -16.58 -10.95 -2.84
CA LYS B 60 -16.45 -11.54 -1.53
C LYS B 60 -14.97 -11.87 -1.35
N PHE B 61 -14.28 -10.98 -0.62
CA PHE B 61 -12.86 -11.08 -0.35
C PHE B 61 -12.69 -11.72 1.02
N GLY B 62 -12.12 -12.89 1.08
CA GLY B 62 -12.11 -13.70 2.31
C GLY B 62 -11.26 -13.17 3.42
N LEU B 63 -10.13 -12.53 3.11
CA LEU B 63 -9.26 -12.01 4.21
C LEU B 63 -9.92 -10.90 4.98
N PRO B 64 -10.27 -9.78 4.33
CA PRO B 64 -10.94 -8.71 5.12
C PRO B 64 -12.27 -9.19 5.65
N MET B 65 -12.98 -10.06 5.00
CA MET B 65 -14.27 -10.50 5.53
C MET B 65 -14.10 -11.28 6.84
N ALA B 66 -13.11 -12.17 6.86
CA ALA B 66 -12.80 -12.91 8.09
C ALA B 66 -12.26 -12.04 9.19
N TRP B 67 -11.40 -11.10 8.84
CA TRP B 67 -10.85 -10.18 9.88
C TRP B 67 -11.97 -9.36 10.45
N THR B 68 -12.88 -8.87 9.63
CA THR B 68 -14.02 -8.09 10.07
C THR B 68 -14.78 -8.92 11.12
N ALA B 69 -15.09 -10.14 10.79
CA ALA B 69 -15.81 -11.05 11.67
C ALA B 69 -15.10 -11.27 13.00
N THR B 70 -13.79 -11.55 12.96
CA THR B 70 -13.05 -11.79 14.19
C THR B 70 -13.11 -10.59 15.07
N THR B 71 -12.89 -9.44 14.45
CA THR B 71 -12.80 -8.17 15.17
C THR B 71 -14.15 -7.80 15.78
N LEU B 72 -15.22 -7.94 15.01
CA LEU B 72 -16.58 -7.71 15.53
C LEU B 72 -16.89 -8.64 16.70
N ILE B 73 -16.55 -9.89 16.54
CA ILE B 73 -16.84 -10.90 17.57
C ILE B 73 -16.08 -10.58 18.85
N TRP B 74 -14.82 -10.22 18.69
CA TRP B 74 -13.98 -9.86 19.85
C TRP B 74 -14.65 -8.82 20.72
N GLY B 75 -15.18 -7.77 20.11
CA GLY B 75 -15.87 -6.72 20.88
C GLY B 75 -17.10 -7.23 21.58
N MET B 76 -17.82 -8.12 20.94
CA MET B 76 -19.05 -8.70 21.56
C MET B 76 -18.74 -9.60 22.77
N ILE B 77 -17.56 -10.22 22.74
CA ILE B 77 -17.09 -11.04 23.85
C ILE B 77 -16.56 -10.14 25.00
N ASP B 78 -15.63 -9.25 24.66
CA ASP B 78 -14.86 -8.54 25.68
C ASP B 78 -15.37 -7.15 26.04
N LEU B 79 -16.32 -6.63 25.29
CA LEU B 79 -17.03 -5.35 25.58
C LEU B 79 -18.55 -5.58 25.54
N ALA B 80 -18.96 -6.69 26.13
CA ALA B 80 -20.35 -7.07 26.08
C ALA B 80 -21.28 -6.11 26.76
N ASN B 81 -20.88 -5.56 27.92
CA ASN B 81 -21.76 -4.62 28.59
CA ASN B 81 -21.72 -4.58 28.64
C ASN B 81 -22.03 -3.39 27.74
N GLY B 82 -21.06 -2.94 26.97
CA GLY B 82 -21.27 -1.78 26.12
C GLY B 82 -22.26 -2.10 25.01
N TYR B 83 -22.17 -3.30 24.45
CA TYR B 83 -23.18 -3.69 23.46
C TYR B 83 -24.58 -3.69 24.08
N GLY B 84 -24.66 -4.14 25.32
CA GLY B 84 -25.90 -4.00 26.06
C GLY B 84 -27.09 -4.58 25.30
N GLY B 85 -28.16 -3.79 25.19
CA GLY B 85 -29.38 -4.25 24.56
C GLY B 85 -29.27 -4.47 23.06
N ASP B 86 -28.15 -4.06 22.47
CA ASP B 86 -27.89 -4.33 21.01
C ASP B 86 -27.03 -5.53 20.75
N ARG B 87 -26.58 -6.20 21.81
CA ARG B 87 -25.70 -7.36 21.69
C ARG B 87 -26.32 -8.51 20.87
N ASN B 88 -27.56 -8.89 21.15
CA ASN B 88 -28.18 -9.98 20.39
C ASN B 88 -28.30 -9.63 18.91
N ASP B 89 -28.64 -8.38 18.58
CA ASP B 89 -28.69 -7.97 17.17
C ASP B 89 -27.29 -8.12 16.50
N ALA B 90 -26.27 -7.71 17.22
CA ALA B 90 -24.89 -7.77 16.72
C ALA B 90 -24.43 -9.20 16.49
N MET B 91 -24.85 -10.10 17.36
CA MET B 91 -24.49 -11.49 17.27
C MET B 91 -25.17 -12.12 16.07
N GLN B 92 -26.45 -11.82 15.91
CA GLN B 92 -27.16 -12.27 14.73
C GLN B 92 -26.52 -11.77 13.45
N SER B 93 -26.06 -10.51 13.49
CA SER B 93 -25.48 -9.91 12.30
C SER B 93 -24.26 -10.69 11.85
N VAL B 94 -23.36 -11.00 12.77
CA VAL B 94 -22.12 -11.65 12.38
C VAL B 94 -22.26 -13.12 11.93
N ARG B 95 -23.39 -13.78 12.22
CA ARG B 95 -23.60 -15.13 11.72
C ARG B 95 -23.60 -15.13 10.19
N TRP B 96 -23.92 -14.00 9.58
CA TRP B 96 -23.93 -13.95 8.13
C TRP B 96 -22.53 -14.33 7.59
N ALA B 97 -21.48 -13.78 8.18
CA ALA B 97 -20.13 -14.07 7.79
C ALA B 97 -19.73 -15.50 8.17
N LEU B 98 -19.97 -15.88 9.44
CA LEU B 98 -19.54 -17.19 9.91
C LEU B 98 -20.17 -18.32 9.09
N ASP B 99 -21.45 -18.18 8.77
CA ASP B 99 -22.15 -19.21 7.99
C ASP B 99 -21.50 -19.37 6.63
N TYR B 100 -21.11 -18.23 6.06
CA TYR B 100 -20.39 -18.26 4.78
C TYR B 100 -19.03 -18.95 4.86
N PHE B 101 -18.26 -18.64 5.90
CA PHE B 101 -16.95 -19.30 6.07
C PHE B 101 -17.10 -20.81 6.13
N MET B 102 -18.15 -21.30 6.81
CA MET B 102 -18.35 -22.73 6.89
C MET B 102 -18.67 -23.28 5.51
N LYS B 103 -19.44 -22.56 4.71
CA LYS B 103 -19.67 -23.02 3.32
C LYS B 103 -18.41 -23.06 2.45
N CYS B 104 -17.54 -22.09 2.72
CA CYS B 104 -16.28 -22.00 1.99
C CYS B 104 -15.36 -23.19 2.26
N HIS B 105 -15.51 -23.79 3.45
CA HIS B 105 -14.66 -24.90 3.86
C HIS B 105 -15.27 -26.19 3.36
N VAL B 106 -15.06 -26.42 2.08
CA VAL B 106 -15.75 -27.49 1.39
C VAL B 106 -15.23 -28.88 1.70
N SER B 107 -14.02 -28.94 2.21
CA SER B 107 -13.39 -30.20 2.62
C SER B 107 -12.22 -29.81 3.53
N ASP B 108 -11.62 -30.79 4.20
CA ASP B 108 -10.66 -30.44 5.29
C ASP B 108 -9.58 -29.52 4.80
N ASN B 109 -9.05 -29.76 3.61
CA ASN B 109 -7.94 -29.00 3.08
C ASN B 109 -8.27 -28.25 1.78
N GLU B 110 -9.51 -27.79 1.65
CA GLU B 110 -9.90 -26.83 0.60
C GLU B 110 -10.76 -25.73 1.25
N LEU B 111 -10.35 -24.49 1.07
CA LEU B 111 -11.06 -23.34 1.60
C LEU B 111 -11.21 -22.28 0.49
N TYR B 112 -12.46 -21.98 0.09
CA TYR B 112 -12.71 -20.92 -0.85
C TYR B 112 -12.39 -19.61 -0.22
N GLY B 113 -11.60 -18.81 -0.96
CA GLY B 113 -11.13 -17.52 -0.49
C GLY B 113 -11.59 -16.30 -1.22
N GLN B 114 -12.21 -16.49 -2.38
CA GLN B 114 -12.75 -15.37 -3.10
C GLN B 114 -13.88 -15.85 -4.03
N VAL B 115 -14.95 -15.05 -4.10
CA VAL B 115 -15.94 -15.17 -5.13
C VAL B 115 -16.12 -13.81 -5.78
N GLY B 116 -15.95 -13.82 -7.11
CA GLY B 116 -15.93 -12.61 -7.91
C GLY B 116 -14.52 -12.26 -8.37
N ASP B 117 -14.40 -11.79 -9.61
CA ASP B 117 -13.13 -11.27 -10.18
C ASP B 117 -13.20 -9.78 -9.97
N GLY B 118 -12.26 -9.22 -9.17
CA GLY B 118 -12.40 -7.82 -8.83
C GLY B 118 -12.45 -6.87 -10.02
N HIS B 119 -11.75 -7.23 -11.10
CA HIS B 119 -11.75 -6.37 -12.28
C HIS B 119 -13.08 -6.39 -13.04
N ALA B 120 -13.61 -7.59 -13.22
CA ALA B 120 -14.89 -7.72 -13.91
C ALA B 120 -15.99 -7.15 -13.03
N ASP B 121 -15.87 -7.34 -11.71
CA ASP B 121 -16.87 -6.82 -10.80
C ASP B 121 -16.89 -5.27 -10.83
N HIS B 122 -15.69 -4.66 -10.83
CA HIS B 122 -15.61 -3.22 -10.74
C HIS B 122 -15.95 -2.51 -12.06
N ALA B 123 -15.92 -3.27 -13.17
CA ALA B 123 -16.32 -2.73 -14.46
C ALA B 123 -17.82 -2.51 -14.60
N TYR B 124 -18.59 -3.14 -13.73
CA TYR B 124 -20.03 -3.00 -13.66
C TYR B 124 -20.39 -1.93 -12.64
N TRP B 125 -21.37 -1.09 -12.94
CA TRP B 125 -22.02 -0.20 -11.96
C TRP B 125 -23.51 -0.44 -12.03
N GLY B 126 -24.08 -0.82 -10.91
CA GLY B 126 -25.49 -1.17 -10.84
C GLY B 126 -25.77 -1.94 -9.58
N ARG B 127 -27.01 -2.38 -9.47
CA ARG B 127 -27.48 -3.13 -8.29
C ARG B 127 -26.89 -4.54 -8.28
N PRO B 128 -26.53 -5.07 -7.10
CA PRO B 128 -26.04 -6.47 -7.07
C PRO B 128 -27.09 -7.47 -7.51
N GLU B 129 -28.35 -7.13 -7.29
CA GLU B 129 -29.47 -7.99 -7.70
C GLU B 129 -29.53 -8.19 -9.23
N GLU B 130 -28.91 -7.28 -9.99
CA GLU B 130 -28.96 -7.28 -11.45
C GLU B 130 -27.66 -7.65 -12.14
N MET B 131 -26.65 -8.08 -11.41
CA MET B 131 -25.38 -8.58 -11.97
C MET B 131 -25.60 -9.75 -12.89
N THR B 132 -24.90 -9.74 -14.01
CA THR B 132 -24.93 -10.90 -14.94
C THR B 132 -23.58 -11.47 -15.35
N MET B 133 -22.48 -10.90 -14.88
CA MET B 133 -21.16 -11.38 -15.26
C MET B 133 -20.81 -12.64 -14.54
N ASP B 134 -19.94 -13.41 -15.12
CA ASP B 134 -19.33 -14.55 -14.47
C ASP B 134 -18.63 -14.11 -13.17
N ARG B 135 -18.80 -14.96 -12.15
CA ARG B 135 -18.26 -14.72 -10.82
C ARG B 135 -17.45 -15.96 -10.48
N PRO B 136 -16.19 -15.98 -10.91
CA PRO B 136 -15.35 -17.11 -10.58
C PRO B 136 -15.11 -17.19 -9.07
N ALA B 137 -14.83 -18.43 -8.65
CA ALA B 137 -14.56 -18.72 -7.25
C ALA B 137 -13.17 -19.40 -7.23
N TRP B 138 -12.34 -18.97 -6.28
CA TRP B 138 -11.00 -19.51 -6.12
C TRP B 138 -10.81 -20.04 -4.71
N SER B 139 -10.12 -21.18 -4.62
CA SER B 139 -9.83 -21.81 -3.34
C SER B 139 -8.35 -22.01 -3.06
N LEU B 140 -8.11 -22.15 -1.74
CA LEU B 140 -6.83 -22.51 -1.17
C LEU B 140 -6.80 -24.03 -0.93
N THR B 141 -5.67 -24.64 -1.31
CA THR B 141 -5.42 -26.07 -1.15
C THR B 141 -3.95 -26.25 -0.80
N PRO B 142 -3.52 -27.50 -0.52
CA PRO B 142 -2.08 -27.64 -0.21
C PRO B 142 -1.19 -27.18 -1.35
N SER B 143 -1.64 -27.36 -2.59
N SER B 143 -1.61 -27.36 -2.60
CA SER B 143 -0.90 -26.88 -3.75
CA SER B 143 -0.83 -26.85 -3.73
C SER B 143 -0.97 -25.37 -3.98
C SER B 143 -0.93 -25.34 -3.95
N ALA B 144 -1.90 -24.72 -3.31
CA ALA B 144 -2.14 -23.28 -3.41
C ALA B 144 -2.53 -22.75 -2.06
N PRO B 145 -1.54 -22.60 -1.19
CA PRO B 145 -1.85 -22.34 0.22
C PRO B 145 -2.22 -20.91 0.52
N GLY B 146 -2.71 -20.70 1.72
CA GLY B 146 -2.92 -19.28 2.16
C GLY B 146 -3.15 -19.25 3.66
N SER B 147 -2.02 -19.27 4.36
CA SER B 147 -2.03 -19.34 5.81
C SER B 147 -2.64 -18.12 6.43
N ASP B 148 -2.52 -16.98 5.76
CA ASP B 148 -3.09 -15.71 6.22
C ASP B 148 -4.62 -15.80 6.20
N LEU B 149 -5.18 -16.01 5.03
CA LEU B 149 -6.63 -16.03 4.91
C LEU B 149 -7.21 -17.20 5.71
N ALA B 150 -6.55 -18.36 5.65
CA ALA B 150 -7.04 -19.53 6.42
C ALA B 150 -6.90 -19.30 7.93
N GLY B 151 -5.77 -18.74 8.36
CA GLY B 151 -5.60 -18.49 9.80
C GLY B 151 -6.63 -17.49 10.31
N GLU B 152 -6.93 -16.44 9.53
CA GLU B 152 -7.94 -15.48 9.89
C GLU B 152 -9.31 -16.08 9.98
N THR B 153 -9.64 -16.91 9.00
CA THR B 153 -10.93 -17.57 8.96
C THR B 153 -11.10 -18.47 10.20
N ALA B 154 -10.05 -19.20 10.52
CA ALA B 154 -10.04 -20.01 11.75
C ALA B 154 -10.22 -19.14 12.99
N ALA B 155 -9.55 -17.99 13.04
CA ALA B 155 -9.70 -17.11 14.18
C ALA B 155 -11.15 -16.70 14.34
N ALA B 156 -11.79 -16.32 13.24
CA ALA B 156 -13.17 -15.82 13.28
C ALA B 156 -14.10 -16.91 13.81
N LEU B 157 -13.89 -18.11 13.31
CA LEU B 157 -14.70 -19.26 13.73
C LEU B 157 -14.46 -19.60 15.20
N ALA B 158 -13.20 -19.60 15.64
CA ALA B 158 -12.91 -19.88 17.03
C ALA B 158 -13.50 -18.80 17.95
N ALA B 159 -13.33 -17.55 17.59
CA ALA B 159 -13.89 -16.45 18.40
C ALA B 159 -15.41 -16.64 18.46
N GLY B 160 -16.00 -16.95 17.29
CA GLY B 160 -17.42 -17.24 17.22
C GLY B 160 -17.86 -18.34 18.17
N SER B 161 -17.06 -19.38 18.28
CA SER B 161 -17.42 -20.47 19.18
C SER B 161 -17.48 -19.99 20.63
N ILE B 162 -16.58 -19.09 21.01
CA ILE B 162 -16.63 -18.51 22.37
C ILE B 162 -17.93 -17.73 22.53
N LEU B 163 -18.21 -16.87 21.56
CA LEU B 163 -19.38 -15.98 21.63
C LEU B 163 -20.69 -16.72 21.74
N PHE B 164 -20.84 -17.76 20.96
CA PHE B 164 -22.09 -18.49 20.87
C PHE B 164 -22.23 -19.67 21.85
N SER B 165 -21.18 -19.98 22.60
CA SER B 165 -21.16 -21.15 23.49
CA SER B 165 -21.20 -21.18 23.43
C SER B 165 -22.39 -21.20 24.37
N ASP B 166 -22.70 -20.08 25.00
CA ASP B 166 -23.83 -20.08 25.97
C ASP B 166 -25.19 -20.19 25.29
N SER B 167 -25.42 -19.41 24.25
CA SER B 167 -26.77 -19.24 23.71
C SER B 167 -27.10 -20.29 22.62
N ASP B 168 -26.03 -20.92 22.08
CA ASP B 168 -26.25 -21.84 20.95
C ASP B 168 -25.08 -22.80 20.84
N ALA B 169 -25.07 -23.73 21.79
CA ALA B 169 -23.93 -24.65 21.86
C ALA B 169 -23.73 -25.51 20.63
N SER B 170 -24.78 -26.03 19.99
N SER B 170 -24.81 -25.97 20.00
CA SER B 170 -24.56 -26.85 18.77
CA SER B 170 -24.67 -26.72 18.74
C SER B 170 -24.01 -25.95 17.59
C SER B 170 -23.93 -25.89 17.70
N TYR B 171 -24.36 -24.65 17.50
CA TYR B 171 -23.69 -23.74 16.53
C TYR B 171 -22.22 -23.58 16.91
N ALA B 172 -21.96 -23.27 18.19
CA ALA B 172 -20.59 -23.08 18.68
C ALA B 172 -19.75 -24.30 18.38
N ASN B 173 -20.31 -25.52 18.53
CA ASN B 173 -19.55 -26.75 18.21
C ASN B 173 -19.22 -26.85 16.72
N GLN B 174 -20.16 -26.42 15.88
CA GLN B 174 -19.99 -26.44 14.41
C GLN B 174 -18.83 -25.49 14.07
N LEU B 175 -18.88 -24.28 14.65
CA LEU B 175 -17.86 -23.27 14.38
C LEU B 175 -16.46 -23.77 14.79
N LEU B 176 -16.38 -24.34 16.01
CA LEU B 176 -15.09 -24.79 16.54
C LEU B 176 -14.50 -25.94 15.71
N ASP B 177 -15.36 -26.88 15.27
CA ASP B 177 -14.88 -27.99 14.48
C ASP B 177 -14.24 -27.49 13.17
N HIS B 178 -14.91 -26.57 12.49
CA HIS B 178 -14.31 -25.96 11.28
C HIS B 178 -13.00 -25.21 11.65
N ALA B 179 -13.02 -24.46 12.75
CA ALA B 179 -11.89 -23.64 13.10
C ALA B 179 -10.63 -24.51 13.29
N ARG B 180 -10.77 -25.63 14.03
CA ARG B 180 -9.64 -26.49 14.25
C ARG B 180 -9.07 -26.96 12.91
N THR B 181 -9.95 -27.47 12.04
CA THR B 181 -9.51 -28.04 10.77
C THR B 181 -8.89 -27.01 9.83
N ILE B 182 -9.52 -25.84 9.75
CA ILE B 182 -8.98 -24.75 8.95
C ILE B 182 -7.61 -24.35 9.50
N TYR B 183 -7.44 -24.22 10.82
CA TYR B 183 -6.16 -23.79 11.31
C TYR B 183 -5.08 -24.81 11.00
N ASP B 184 -5.45 -26.10 11.07
CA ASP B 184 -4.47 -27.13 10.73
C ASP B 184 -4.05 -26.95 9.27
N PHE B 185 -5.02 -26.67 8.40
CA PHE B 185 -4.69 -26.40 7.03
C PHE B 185 -3.73 -25.22 6.85
N ALA B 186 -4.00 -24.14 7.59
CA ALA B 186 -3.17 -22.95 7.55
C ALA B 186 -1.73 -23.22 8.05
N TYR B 187 -1.65 -23.94 9.14
CA TYR B 187 -0.39 -24.20 9.80
C TYR B 187 0.46 -25.23 9.02
N ASN B 188 -0.18 -26.21 8.41
CA ASN B 188 0.50 -27.27 7.70
C ASN B 188 0.87 -26.93 6.27
N ASN B 189 0.27 -25.88 5.70
CA ASN B 189 0.49 -25.59 4.26
C ASN B 189 0.76 -24.08 4.21
N ARG B 190 2.04 -23.71 4.19
CA ARG B 190 2.43 -22.33 4.38
C ARG B 190 2.48 -21.54 3.09
N GLY B 191 1.87 -20.38 3.08
CA GLY B 191 2.02 -19.46 1.98
C GLY B 191 1.07 -18.29 2.09
N ILE B 192 1.30 -17.32 1.21
CA ILE B 192 0.54 -16.09 1.10
C ILE B 192 -0.65 -16.28 0.17
N TYR B 193 -1.86 -16.05 0.65
CA TYR B 193 -3.06 -16.42 -0.13
C TYR B 193 -3.11 -15.64 -1.45
N SER B 194 -2.60 -14.42 -1.50
CA SER B 194 -2.73 -13.58 -2.69
C SER B 194 -1.73 -13.98 -3.77
N GLU B 195 -0.85 -14.89 -3.45
CA GLU B 195 -0.05 -15.56 -4.46
C GLU B 195 -0.83 -16.75 -5.04
N SER B 196 -1.57 -17.46 -4.22
CA SER B 196 -2.42 -18.57 -4.67
C SER B 196 -3.70 -18.16 -5.36
N ILE B 197 -4.24 -17.00 -5.05
CA ILE B 197 -5.43 -16.40 -5.70
C ILE B 197 -4.90 -15.08 -6.27
N PRO B 198 -4.30 -15.10 -7.47
CA PRO B 198 -3.61 -13.92 -7.94
C PRO B 198 -4.52 -12.69 -8.13
N ASN B 199 -5.80 -12.92 -8.40
CA ASN B 199 -6.73 -11.80 -8.54
C ASN B 199 -6.69 -10.92 -7.28
N ALA B 200 -6.57 -11.55 -6.12
CA ALA B 200 -6.56 -10.81 -4.84
C ALA B 200 -5.36 -9.91 -4.69
N ALA B 201 -4.25 -10.21 -5.37
CA ALA B 201 -3.03 -9.44 -5.24
C ALA B 201 -3.13 -8.03 -5.83
N ASP B 202 -4.25 -7.74 -6.51
CA ASP B 202 -4.55 -6.45 -7.09
C ASP B 202 -5.35 -5.58 -6.15
N PHE B 203 -5.82 -6.17 -5.04
CA PHE B 203 -6.86 -5.58 -4.15
C PHE B 203 -6.57 -5.68 -2.68
N TYR B 204 -6.25 -6.88 -2.22
CA TYR B 204 -5.97 -7.19 -0.80
C TYR B 204 -4.70 -8.03 -0.70
N ARG B 205 -3.62 -7.46 -1.20
CA ARG B 205 -2.32 -8.12 -1.14
C ARG B 205 -1.92 -8.32 0.30
N SER B 206 -1.62 -9.55 0.68
CA SER B 206 -1.18 -9.86 2.05
C SER B 206 0.32 -9.61 2.17
N SER B 207 0.72 -8.88 3.22
CA SER B 207 2.14 -8.62 3.45
C SER B 207 2.88 -9.76 4.16
N ALA B 208 2.18 -10.58 4.93
CA ALA B 208 2.82 -11.68 5.70
C ALA B 208 1.71 -12.53 6.28
N TYR B 209 1.99 -13.79 6.55
CA TYR B 209 1.04 -14.67 7.17
C TYR B 209 1.37 -15.08 8.61
N GLU B 210 2.58 -14.84 9.09
CA GLU B 210 2.89 -15.36 10.41
C GLU B 210 2.03 -14.72 11.50
N ASP B 211 1.65 -13.46 11.29
CA ASP B 211 0.80 -12.80 12.29
C ASP B 211 -0.57 -13.44 12.39
N GLU B 212 -1.09 -13.94 11.25
CA GLU B 212 -2.41 -14.66 11.32
C GLU B 212 -2.21 -16.02 11.97
N LEU B 213 -1.05 -16.68 11.76
CA LEU B 213 -0.80 -17.91 12.47
C LEU B 213 -0.74 -17.71 13.99
N CYS B 214 -0.17 -16.62 14.44
CA CYS B 214 -0.22 -16.32 15.86
C CYS B 214 -1.65 -16.07 16.33
N TRP B 215 -2.31 -15.15 15.65
CA TRP B 215 -3.67 -14.72 15.97
C TRP B 215 -4.65 -15.88 15.99
N GLY B 216 -4.64 -16.71 14.96
CA GLY B 216 -5.54 -17.85 14.97
C GLY B 216 -5.26 -18.82 16.10
N ALA B 217 -3.98 -19.05 16.40
CA ALA B 217 -3.63 -19.94 17.48
C ALA B 217 -4.09 -19.35 18.85
N LEU B 218 -3.92 -18.06 19.04
CA LEU B 218 -4.38 -17.43 20.29
C LEU B 218 -5.89 -17.60 20.44
N TRP B 219 -6.63 -17.38 19.36
CA TRP B 219 -8.09 -17.52 19.42
C TRP B 219 -8.49 -18.97 19.70
N LEU B 220 -7.79 -19.94 19.09
CA LEU B 220 -8.09 -21.33 19.39
C LEU B 220 -7.69 -21.72 20.80
N TYR B 221 -6.59 -21.14 21.30
CA TYR B 221 -6.26 -21.31 22.72
C TYR B 221 -7.34 -20.78 23.66
N ARG B 222 -7.87 -19.58 23.34
CA ARG B 222 -8.99 -19.07 24.12
C ARG B 222 -10.21 -19.95 24.06
N ALA B 223 -10.49 -20.51 22.86
CA ALA B 223 -11.67 -21.31 22.64
C ALA B 223 -11.60 -22.69 23.22
N THR B 224 -10.39 -23.24 23.41
CA THR B 224 -10.22 -24.64 23.80
C THR B 224 -9.47 -24.90 25.09
N GLY B 225 -8.60 -23.96 25.46
CA GLY B 225 -7.75 -24.11 26.59
C GLY B 225 -6.61 -25.06 26.35
N GLU B 226 -6.39 -25.52 25.10
CA GLU B 226 -5.40 -26.56 24.84
C GLU B 226 -4.03 -25.89 24.64
N GLN B 227 -3.11 -26.34 25.51
CA GLN B 227 -1.79 -25.75 25.52
C GLN B 227 -1.05 -25.83 24.17
N ASP B 228 -1.34 -26.86 23.37
CA ASP B 228 -0.69 -26.90 22.07
C ASP B 228 -0.91 -25.61 21.22
N TYR B 229 -2.07 -24.98 21.34
CA TYR B 229 -2.29 -23.74 20.63
C TYR B 229 -1.46 -22.58 21.16
N MET B 230 -1.25 -22.55 22.46
CA MET B 230 -0.36 -21.54 23.01
C MET B 230 1.05 -21.76 22.50
N ASP B 231 1.47 -23.02 22.40
CA ASP B 231 2.78 -23.35 21.87
C ASP B 231 2.95 -22.87 20.43
N LYS B 232 1.94 -23.07 19.62
CA LYS B 232 1.93 -22.65 18.21
C LYS B 232 1.93 -21.09 18.14
N ALA B 233 1.14 -20.42 18.99
CA ALA B 233 1.19 -18.95 19.00
C ALA B 233 2.62 -18.45 19.29
N ASN B 234 3.28 -19.12 20.24
CA ASN B 234 4.63 -18.75 20.64
C ASN B 234 5.67 -18.95 19.54
N GLU B 235 5.35 -19.67 18.45
CA GLU B 235 6.25 -19.75 17.32
C GLU B 235 6.24 -18.50 16.40
N PHE B 236 5.25 -17.62 16.61
CA PHE B 236 4.91 -16.53 15.70
C PHE B 236 4.66 -15.24 16.45
N LEU B 237 5.41 -14.98 17.52
CA LEU B 237 5.10 -13.80 18.33
C LEU B 237 5.38 -12.51 17.58
N PRO B 238 4.59 -11.47 17.87
CA PRO B 238 4.88 -10.18 17.24
C PRO B 238 6.27 -9.72 17.51
N GLN B 239 6.91 -9.22 16.44
CA GLN B 239 8.26 -8.68 16.44
C GLN B 239 8.18 -7.21 16.22
N GLY B 240 8.64 -6.44 17.20
CA GLY B 240 8.65 -5.00 17.08
C GLY B 240 7.29 -4.34 17.28
N ARG B 241 7.25 -3.08 16.95
CA ARG B 241 6.05 -2.30 17.09
C ARG B 241 5.14 -2.47 15.88
N PRO B 242 3.89 -2.84 16.08
CA PRO B 242 2.99 -2.92 14.92
C PRO B 242 2.79 -1.54 14.31
N TRP B 243 2.66 -1.52 13.00
CA TRP B 243 2.42 -0.28 12.25
C TRP B 243 1.00 0.21 12.44
N ALA B 244 0.06 -0.73 12.43
CA ALA B 244 -1.34 -0.46 12.70
C ALA B 244 -2.03 -1.80 12.98
N PHE B 245 -3.29 -1.77 13.35
CA PHE B 245 -4.12 -2.99 13.43
C PHE B 245 -5.05 -2.90 12.23
N SER B 246 -5.17 -4.00 11.47
CA SER B 246 -5.97 -3.97 10.22
C SER B 246 -6.25 -5.37 9.75
N TRP B 247 -6.96 -5.43 8.62
CA TRP B 247 -7.14 -6.71 7.94
C TRP B 247 -5.85 -7.44 7.57
N ASP B 248 -4.78 -6.65 7.39
CA ASP B 248 -3.49 -7.17 6.99
C ASP B 248 -2.57 -7.53 8.14
N SER B 249 -2.66 -6.77 9.24
N SER B 249 -2.68 -6.83 9.26
CA SER B 249 -1.72 -6.84 10.36
CA SER B 249 -1.72 -7.02 10.33
C SER B 249 -2.45 -7.21 11.66
C SER B 249 -2.40 -7.20 11.67
N LYS B 250 -2.14 -8.37 12.23
CA LYS B 250 -2.80 -8.83 13.45
C LYS B 250 -2.03 -8.58 14.74
N GLU B 251 -0.76 -8.19 14.64
CA GLU B 251 0.11 -8.17 15.80
C GLU B 251 -0.44 -7.38 16.98
N ALA B 252 -1.01 -6.20 16.74
CA ALA B 252 -1.52 -5.42 17.90
C ALA B 252 -2.58 -6.20 18.62
N GLY B 253 -3.41 -6.88 17.87
CA GLY B 253 -4.45 -7.68 18.50
C GLY B 253 -3.90 -8.83 19.28
N SER B 254 -2.91 -9.52 18.70
CA SER B 254 -2.26 -10.57 19.41
C SER B 254 -1.62 -10.03 20.73
N LEU B 255 -1.07 -8.82 20.71
CA LEU B 255 -0.52 -8.26 21.95
C LEU B 255 -1.58 -8.11 23.03
N VAL B 256 -2.76 -7.67 22.68
CA VAL B 256 -3.83 -7.57 23.68
C VAL B 256 -4.13 -8.95 24.25
N LEU B 257 -4.29 -9.95 23.37
CA LEU B 257 -4.59 -11.31 23.84
C LEU B 257 -3.46 -11.89 24.72
N LEU B 258 -2.23 -11.69 24.31
CA LEU B 258 -1.07 -12.15 25.10
C LEU B 258 -1.04 -11.48 26.51
N THR B 259 -1.30 -10.19 26.51
CA THR B 259 -1.31 -9.47 27.82
C THR B 259 -2.38 -10.06 28.68
N SER B 260 -3.52 -10.44 28.11
CA SER B 260 -4.65 -10.98 28.90
C SER B 260 -4.32 -12.21 29.69
N PHE B 261 -3.30 -12.94 29.28
CA PHE B 261 -2.94 -14.15 29.99
C PHE B 261 -2.03 -13.88 31.17
N GLY B 262 -1.51 -12.65 31.30
CA GLY B 262 -0.55 -12.29 32.36
C GLY B 262 0.85 -12.38 31.78
N ASN B 263 1.39 -11.26 31.31
CA ASN B 263 2.65 -11.32 30.50
C ASN B 263 3.22 -9.94 30.44
N SER B 264 4.23 -9.73 31.27
CA SER B 264 4.79 -8.37 31.36
CA SER B 264 4.86 -8.40 31.39
C SER B 264 5.50 -7.93 30.07
N ASN B 265 6.10 -8.88 29.33
CA ASN B 265 6.74 -8.53 28.07
C ASN B 265 5.70 -8.01 27.07
N ALA B 266 4.57 -8.73 26.95
CA ALA B 266 3.53 -8.33 26.03
C ALA B 266 2.91 -7.02 26.45
N ARG B 267 2.77 -6.80 27.78
CA ARG B 267 2.23 -5.53 28.22
C ARG B 267 3.14 -4.37 27.79
N ALA B 268 4.45 -4.52 27.95
CA ALA B 268 5.36 -3.49 27.56
C ALA B 268 5.32 -3.21 26.05
N GLN B 269 5.19 -4.27 25.29
N GLN B 269 5.21 -4.26 25.26
CA GLN B 269 5.16 -4.14 23.81
CA GLN B 269 5.12 -4.10 23.78
C GLN B 269 3.84 -3.45 23.38
C GLN B 269 3.83 -3.38 23.40
N LEU B 270 2.75 -3.76 24.07
CA LEU B 270 1.48 -3.09 23.85
C LEU B 270 1.52 -1.64 24.22
N GLU B 271 2.13 -1.38 25.39
CA GLU B 271 2.29 0.04 25.83
C GLU B 271 3.07 0.86 24.80
N ASP B 272 4.14 0.30 24.24
CA ASP B 272 4.92 1.01 23.24
C ASP B 272 4.06 1.32 21.99
N PHE B 273 3.23 0.35 21.57
CA PHE B 273 2.32 0.56 20.46
C PHE B 273 1.36 1.70 20.74
N LEU B 274 0.69 1.59 21.90
CA LEU B 274 -0.33 2.58 22.21
C LEU B 274 0.23 4.00 22.40
N GLN B 275 1.35 4.08 23.12
CA GLN B 275 1.94 5.38 23.36
C GLN B 275 2.26 6.08 22.05
N SER B 276 2.63 5.33 20.99
N SER B 276 2.62 5.27 21.03
CA SER B 276 2.91 6.00 19.71
CA SER B 276 2.98 5.80 19.73
C SER B 276 1.71 6.67 19.09
C SER B 276 1.79 6.44 18.96
N TRP B 277 0.55 6.05 19.32
CA TRP B 277 -0.71 6.61 18.80
C TRP B 277 -1.28 7.78 19.61
N PHE B 278 -0.87 7.87 20.88
CA PHE B 278 -1.37 8.95 21.72
C PHE B 278 -0.67 10.26 21.33
N PRO B 279 -1.23 11.42 21.76
CA PRO B 279 -0.54 12.67 21.47
C PRO B 279 0.90 12.65 21.93
N GLY B 280 1.77 13.20 21.11
CA GLY B 280 3.21 13.24 21.35
C GLY B 280 3.98 12.02 20.90
N GLY B 281 3.27 11.05 20.30
CA GLY B 281 3.91 9.86 19.78
C GLY B 281 4.42 9.99 18.34
N ASP B 282 4.51 8.88 17.65
CA ASP B 282 5.05 8.83 16.28
C ASP B 282 4.01 8.87 15.16
N ILE B 283 2.75 8.76 15.51
CA ILE B 283 1.63 8.86 14.57
C ILE B 283 1.31 10.31 14.34
N HIS B 284 1.20 10.72 13.10
CA HIS B 284 0.81 12.07 12.75
C HIS B 284 -0.58 12.42 13.30
N TYR B 285 -0.66 13.61 13.89
CA TYR B 285 -1.96 14.16 14.26
C TYR B 285 -2.30 15.30 13.33
N THR B 286 -3.51 15.26 12.77
CA THR B 286 -3.96 16.36 11.94
C THR B 286 -4.23 17.56 12.89
N PRO B 287 -4.34 18.77 12.31
CA PRO B 287 -4.54 19.92 13.23
C PRO B 287 -5.81 19.77 14.06
N LEU B 288 -6.83 19.11 13.57
CA LEU B 288 -8.10 18.96 14.31
C LEU B 288 -8.15 17.65 15.15
N GLY B 289 -7.00 16.96 15.24
CA GLY B 289 -6.78 15.93 16.27
C GLY B 289 -6.99 14.48 15.85
N LEU B 290 -7.07 14.21 14.56
CA LEU B 290 -7.15 12.82 14.05
C LEU B 290 -5.76 12.19 14.07
N ALA B 291 -5.65 10.99 14.66
CA ALA B 291 -4.45 10.19 14.55
C ALA B 291 -4.46 9.53 13.16
N TRP B 292 -3.59 10.01 12.28
CA TRP B 292 -3.65 9.75 10.84
C TRP B 292 -2.46 8.89 10.42
N ARG B 293 -2.78 7.65 10.06
CA ARG B 293 -1.78 6.62 9.74
C ARG B 293 -1.30 6.59 8.30
N ASP B 294 -2.17 6.91 7.37
CA ASP B 294 -1.96 6.62 5.97
C ASP B 294 -3.01 7.32 5.17
N THR B 295 -2.70 7.46 3.87
CA THR B 295 -3.66 8.02 2.94
C THR B 295 -4.97 7.27 2.85
N TRP B 296 -4.90 5.95 2.83
N TRP B 296 -4.90 5.94 2.82
CA TRP B 296 -6.09 5.16 2.59
CA TRP B 296 -6.08 5.15 2.56
C TRP B 296 -6.73 4.71 3.87
C TRP B 296 -6.73 4.69 3.85
N GLY B 297 -8.01 4.96 3.98
CA GLY B 297 -8.76 4.57 5.15
C GLY B 297 -8.19 5.07 6.49
N SER B 298 -7.95 6.38 6.54
N SER B 298 -7.98 6.38 6.51
CA SER B 298 -7.37 6.95 7.76
CA SER B 298 -7.41 7.02 7.67
C SER B 298 -8.33 6.76 8.93
C SER B 298 -8.33 6.81 8.89
N LEU B 299 -9.63 6.93 8.69
CA LEU B 299 -10.56 6.79 9.83
C LEU B 299 -10.58 5.34 10.36
N ARG B 300 -10.55 4.39 9.41
CA ARG B 300 -10.45 3.00 9.74
C ARG B 300 -9.24 2.68 10.59
N TYR B 301 -8.08 3.23 10.25
CA TYR B 301 -6.88 2.91 11.05
C TYR B 301 -7.01 3.45 12.48
N SER B 302 -7.57 4.66 12.56
CA SER B 302 -7.74 5.30 13.89
C SER B 302 -8.73 4.53 14.69
N ALA B 303 -9.84 4.14 14.09
CA ALA B 303 -10.83 3.34 14.79
C ALA B 303 -10.33 2.01 15.25
N ASN B 304 -9.52 1.37 14.42
CA ASN B 304 -8.90 0.11 14.81
C ASN B 304 -8.02 0.28 16.06
N SER B 305 -7.21 1.34 16.05
CA SER B 305 -6.41 1.63 17.24
C SER B 305 -7.24 1.99 18.45
N ALA B 306 -8.31 2.74 18.23
CA ALA B 306 -9.22 3.06 19.36
C ALA B 306 -9.79 1.79 19.99
N PHE B 307 -10.18 0.83 19.20
CA PHE B 307 -10.67 -0.45 19.68
C PHE B 307 -9.62 -1.18 20.48
N ILE B 308 -8.41 -1.26 19.93
CA ILE B 308 -7.31 -1.87 20.67
C ILE B 308 -7.09 -1.12 22.01
N ALA B 309 -7.11 0.20 21.93
CA ALA B 309 -6.89 1.01 23.17
C ALA B 309 -7.96 0.66 24.19
N LEU B 310 -9.22 0.56 23.82
CA LEU B 310 -10.27 0.32 24.81
C LEU B 310 -10.14 -1.07 25.41
N LEU B 311 -9.79 -2.06 24.61
CA LEU B 311 -9.54 -3.41 25.13
C LEU B 311 -8.34 -3.41 26.09
N ALA B 312 -7.27 -2.75 25.71
CA ALA B 312 -6.07 -2.65 26.55
C ALA B 312 -6.41 -1.95 27.89
N ALA B 313 -7.22 -0.91 27.81
CA ALA B 313 -7.56 -0.17 29.05
C ALA B 313 -8.23 -1.07 30.04
N GLU B 314 -9.07 -1.98 29.58
CA GLU B 314 -9.69 -2.97 30.44
C GLU B 314 -8.77 -4.03 31.01
N GLU B 315 -7.56 -4.14 30.47
CA GLU B 315 -6.50 -4.95 30.99
C GLU B 315 -5.63 -4.19 31.98
N GLY B 316 -5.93 -2.94 32.18
CA GLY B 316 -5.09 -2.08 33.03
C GLY B 316 -3.88 -1.52 32.35
N VAL B 317 -3.91 -1.46 31.02
CA VAL B 317 -2.79 -0.94 30.27
C VAL B 317 -3.09 0.49 29.83
N LEU B 318 -2.34 1.44 30.39
CA LEU B 318 -2.45 2.87 30.10
C LEU B 318 -3.93 3.29 30.09
N THR B 319 -4.69 2.88 31.11
CA THR B 319 -6.14 2.93 31.06
C THR B 319 -6.64 4.33 30.80
N SER B 320 -6.17 5.31 31.57
CA SER B 320 -6.66 6.69 31.43
CA SER B 320 -6.71 6.67 31.42
C SER B 320 -6.37 7.27 30.05
N GLN B 321 -5.12 7.18 29.64
CA GLN B 321 -4.73 7.70 28.32
C GLN B 321 -5.44 6.98 27.18
N ALA B 322 -5.60 5.68 27.34
CA ALA B 322 -6.19 4.88 26.25
C ALA B 322 -7.65 5.26 26.03
N ARG B 323 -8.39 5.44 27.13
CA ARG B 323 -9.78 5.86 27.05
C ARG B 323 -9.91 7.29 26.51
N THR B 324 -9.03 8.19 26.91
CA THR B 324 -9.02 9.55 26.37
C THR B 324 -8.78 9.49 24.85
N PHE B 325 -7.83 8.70 24.43
CA PHE B 325 -7.50 8.58 23.00
C PHE B 325 -8.68 8.05 22.22
N ALA B 326 -9.27 6.95 22.70
CA ALA B 326 -10.37 6.33 21.95
C ALA B 326 -11.55 7.31 21.85
N ARG B 327 -11.87 8.05 22.92
CA ARG B 327 -12.98 9.00 22.87
C ARG B 327 -12.66 10.12 21.88
N ALA B 328 -11.42 10.60 21.87
CA ALA B 328 -11.03 11.69 20.95
C ALA B 328 -11.17 11.25 19.48
N GLN B 329 -10.75 10.02 19.20
CA GLN B 329 -10.77 9.54 17.80
C GLN B 329 -12.19 9.31 17.36
N LEU B 330 -12.99 8.64 18.17
N LEU B 330 -12.99 8.63 18.19
CA LEU B 330 -14.39 8.40 17.78
CA LEU B 330 -14.39 8.41 17.84
C LEU B 330 -15.18 9.71 17.73
C LEU B 330 -15.12 9.74 17.69
N ASP B 331 -14.86 10.67 18.60
CA ASP B 331 -15.46 12.00 18.51
C ASP B 331 -15.12 12.70 17.18
N TYR B 332 -13.88 12.55 16.71
CA TYR B 332 -13.51 13.07 15.41
C TYR B 332 -14.39 12.49 14.30
N MET B 333 -14.63 11.19 14.36
CA MET B 333 -15.43 10.52 13.33
C MET B 333 -16.89 10.92 13.37
N LEU B 334 -17.40 11.20 14.58
CA LEU B 334 -18.81 11.45 14.79
C LEU B 334 -19.16 12.94 14.61
N GLY B 335 -18.24 13.85 14.87
CA GLY B 335 -18.58 15.26 14.77
C GLY B 335 -17.72 16.36 15.34
N SER B 336 -16.57 16.06 15.96
CA SER B 336 -15.88 17.16 16.68
C SER B 336 -15.35 18.25 15.73
N THR B 337 -15.19 17.94 14.43
CA THR B 337 -14.75 18.96 13.45
C THR B 337 -15.91 19.83 12.93
N GLY B 338 -17.13 19.50 13.34
CA GLY B 338 -18.33 20.19 12.92
C GLY B 338 -19.12 19.43 11.87
N ARG B 339 -18.65 18.25 11.45
CA ARG B 339 -19.44 17.39 10.59
C ARG B 339 -19.12 15.94 10.90
N SER B 340 -20.07 15.07 10.59
CA SER B 340 -19.92 13.63 10.75
C SER B 340 -19.26 12.98 9.54
N PHE B 341 -18.45 11.93 9.83
CA PHE B 341 -17.91 11.04 8.81
C PHE B 341 -18.57 9.70 8.77
N VAL B 342 -19.73 9.61 9.40
CA VAL B 342 -20.57 8.41 9.43
C VAL B 342 -21.83 8.65 8.63
N VAL B 343 -21.98 7.85 7.57
CA VAL B 343 -23.12 7.98 6.69
C VAL B 343 -24.43 7.79 7.49
N GLY B 344 -25.38 8.68 7.22
CA GLY B 344 -26.64 8.59 7.91
C GLY B 344 -26.69 9.09 9.34
N PHE B 345 -25.62 9.70 9.84
CA PHE B 345 -25.54 10.13 11.22
C PHE B 345 -25.05 11.55 11.37
N GLY B 346 -25.68 12.28 12.30
CA GLY B 346 -25.15 13.55 12.83
C GLY B 346 -25.21 14.71 11.86
N THR B 347 -24.27 15.67 12.02
CA THR B 347 -24.32 16.94 11.28
C THR B 347 -23.56 16.81 9.96
N ASN B 348 -24.25 17.13 8.85
CA ASN B 348 -23.58 17.16 7.54
CA ASN B 348 -23.66 17.11 7.52
C ASN B 348 -22.77 15.88 7.26
N PRO B 349 -23.40 14.69 7.37
CA PRO B 349 -22.73 13.43 7.04
C PRO B 349 -22.41 13.31 5.57
N PRO B 350 -21.53 12.37 5.24
CA PRO B 350 -21.29 12.13 3.82
C PRO B 350 -22.56 11.70 3.15
N LEU B 351 -22.81 12.21 1.95
CA LEU B 351 -24.01 11.89 1.23
C LEU B 351 -23.75 11.02 0.01
N ARG B 352 -22.49 10.89 -0.39
CA ARG B 352 -22.18 10.22 -1.64
C ARG B 352 -21.06 9.17 -1.40
N PRO B 353 -21.18 8.32 -0.36
CA PRO B 353 -20.22 7.22 -0.27
C PRO B 353 -20.16 6.39 -1.58
N HIS B 354 -18.96 5.87 -1.82
CA HIS B 354 -18.69 5.10 -3.04
C HIS B 354 -19.31 3.71 -2.87
N HIS B 355 -20.58 3.58 -3.29
CA HIS B 355 -21.30 2.34 -3.01
C HIS B 355 -22.29 2.15 -4.15
N ARG B 356 -22.17 1.03 -4.86
CA ARG B 356 -23.00 0.82 -6.05
C ARG B 356 -24.52 0.81 -5.67
N ALA B 357 -24.92 -0.11 -4.79
CA ALA B 357 -26.33 -0.18 -4.46
C ALA B 357 -26.91 1.11 -3.88
N ALA B 358 -26.15 1.81 -3.02
CA ALA B 358 -26.68 3.01 -2.38
C ALA B 358 -26.83 4.15 -3.40
N SER B 359 -26.04 4.09 -4.48
CA SER B 359 -26.06 5.10 -5.49
C SER B 359 -27.26 4.96 -6.47
N CYS B 360 -28.00 3.86 -6.36
CA CYS B 360 -29.04 3.58 -7.34
C CYS B 360 -30.37 4.13 -6.88
N PRO B 361 -31.16 4.62 -7.83
CA PRO B 361 -32.50 5.08 -7.52
C PRO B 361 -33.37 3.89 -7.07
N ASP B 362 -34.54 4.22 -6.53
CA ASP B 362 -35.51 3.21 -6.16
C ASP B 362 -35.92 2.37 -7.38
N MET B 363 -36.06 1.07 -7.17
CA MET B 363 -36.64 0.18 -8.19
C MET B 363 -38.01 0.75 -8.58
N PRO B 364 -38.42 0.64 -9.85
CA PRO B 364 -37.72 -0.08 -10.92
C PRO B 364 -36.93 0.81 -11.87
N ALA B 365 -36.46 1.96 -11.41
CA ALA B 365 -35.65 2.83 -12.29
C ALA B 365 -34.32 2.18 -12.62
N SER B 366 -33.79 2.41 -13.81
CA SER B 366 -32.55 1.75 -14.16
C SER B 366 -31.37 2.32 -13.38
N CYS B 367 -30.34 1.53 -13.24
CA CYS B 367 -29.15 1.97 -12.54
C CYS B 367 -27.98 1.50 -13.36
N GLY B 368 -27.06 2.43 -13.66
CA GLY B 368 -25.87 2.14 -14.44
C GLY B 368 -24.79 3.14 -14.17
N TRP B 369 -23.80 3.21 -15.04
CA TRP B 369 -22.67 4.11 -14.83
C TRP B 369 -22.99 5.59 -14.59
N ASP B 370 -24.15 6.08 -15.03
CA ASP B 370 -24.56 7.45 -14.75
C ASP B 370 -24.66 7.70 -13.24
N GLN B 371 -25.03 6.66 -12.50
CA GLN B 371 -25.23 6.79 -11.07
C GLN B 371 -23.91 6.95 -10.33
N ALA B 372 -22.82 6.50 -10.92
CA ALA B 372 -21.49 6.70 -10.32
C ALA B 372 -21.05 8.14 -10.27
N SER B 373 -21.38 8.92 -11.29
CA SER B 373 -20.86 10.26 -11.41
C SER B 373 -21.86 11.38 -11.08
N ASP B 374 -23.11 11.02 -10.82
CA ASP B 374 -24.16 11.99 -10.53
C ASP B 374 -23.79 12.77 -9.28
N PRO B 375 -23.72 14.12 -9.37
CA PRO B 375 -23.33 14.89 -8.19
C PRO B 375 -24.38 14.88 -7.08
N ALA B 376 -25.61 14.40 -7.34
CA ALA B 376 -26.65 14.41 -6.32
C ALA B 376 -26.34 13.43 -5.20
N PRO B 377 -26.86 13.72 -3.99
CA PRO B 377 -26.81 12.73 -2.92
C PRO B 377 -27.25 11.30 -3.38
N ASN B 378 -26.59 10.27 -2.84
CA ASN B 378 -27.03 8.90 -3.09
C ASN B 378 -28.52 8.77 -2.75
N PRO B 379 -29.31 8.15 -3.63
CA PRO B 379 -30.71 8.03 -3.35
C PRO B 379 -31.00 7.17 -2.13
N GLN B 380 -30.12 6.24 -1.80
CA GLN B 380 -30.31 5.43 -0.60
C GLN B 380 -29.25 5.81 0.42
N VAL B 381 -29.63 5.87 1.71
CA VAL B 381 -28.67 6.21 2.76
C VAL B 381 -28.03 4.94 3.32
N LEU B 382 -26.70 4.82 3.17
CA LEU B 382 -25.93 3.65 3.66
C LEU B 382 -25.64 3.87 5.16
N ASP B 383 -26.72 3.83 5.96
CA ASP B 383 -26.58 4.18 7.36
C ASP B 383 -25.45 3.40 8.00
N GLY B 384 -24.61 4.12 8.76
CA GLY B 384 -23.63 3.49 9.62
C GLY B 384 -22.26 3.40 9.07
N ALA B 385 -22.11 3.51 7.75
CA ALA B 385 -20.79 3.37 7.14
C ALA B 385 -19.80 4.50 7.54
N LEU B 386 -18.60 4.09 8.00
CA LEU B 386 -17.52 5.01 8.22
C LEU B 386 -16.77 5.17 6.88
N VAL B 387 -16.63 6.40 6.42
CA VAL B 387 -15.94 6.64 5.17
C VAL B 387 -14.41 6.64 5.32
N GLY B 388 -13.71 6.64 4.20
CA GLY B 388 -12.24 6.72 4.19
C GLY B 388 -11.75 7.92 4.99
N GLY B 389 -12.28 9.10 4.72
CA GLY B 389 -12.04 10.28 5.55
C GLY B 389 -11.03 11.22 4.98
N PRO B 390 -10.47 12.07 5.81
CA PRO B 390 -9.67 13.17 5.32
C PRO B 390 -8.21 12.88 5.07
N ASP B 391 -7.54 13.85 4.42
CA ASP B 391 -6.11 13.84 4.33
C ASP B 391 -5.50 14.28 5.63
N ASP B 392 -4.17 14.40 5.57
CA ASP B 392 -3.38 14.64 6.77
C ASP B 392 -3.49 16.10 7.28
N GLN B 393 -4.24 16.94 6.57
CA GLN B 393 -4.58 18.31 6.96
C GLN B 393 -6.06 18.53 7.20
N ASP B 394 -6.81 17.43 7.41
CA ASP B 394 -8.24 17.44 7.66
C ASP B 394 -9.11 17.76 6.44
N ASN B 395 -8.54 17.81 5.24
CA ASN B 395 -9.31 18.07 4.06
C ASN B 395 -10.04 16.82 3.63
N TYR B 396 -11.31 17.01 3.32
CA TYR B 396 -12.20 15.96 2.93
C TYR B 396 -13.20 16.51 1.91
N ASN B 397 -13.50 15.70 0.90
CA ASN B 397 -14.52 16.09 -0.06
C ASN B 397 -15.50 14.95 -0.30
N ASP B 398 -16.78 15.27 -0.16
CA ASP B 398 -17.85 14.31 -0.34
C ASP B 398 -18.19 14.14 -1.84
N ASP B 399 -17.39 13.33 -2.55
CA ASP B 399 -17.51 13.11 -3.99
C ASP B 399 -17.43 11.60 -4.12
N ARG B 400 -18.40 11.03 -4.83
CA ARG B 400 -18.51 9.59 -4.97
C ARG B 400 -17.34 8.96 -5.68
N GLN B 401 -16.66 9.73 -6.53
CA GLN B 401 -15.52 9.18 -7.25
C GLN B 401 -14.21 9.66 -6.67
N ASP B 402 -14.24 10.22 -5.45
CA ASP B 402 -13.03 10.43 -4.66
C ASP B 402 -12.85 9.18 -3.86
N TYR B 403 -12.05 8.26 -4.37
CA TYR B 403 -11.99 6.94 -3.78
C TYR B 403 -11.33 7.00 -2.41
N ILE B 404 -10.36 7.90 -2.25
CA ILE B 404 -9.67 8.03 -0.96
C ILE B 404 -10.64 8.50 0.11
N SER B 405 -11.37 9.57 -0.20
CA SER B 405 -12.28 10.19 0.78
C SER B 405 -13.47 9.30 1.13
N ASN B 406 -14.09 8.71 0.09
CA ASN B 406 -15.42 8.19 0.18
C ASN B 406 -15.62 6.69 0.03
N GLU B 407 -14.54 5.96 0.08
N GLU B 407 -14.53 5.93 0.05
CA GLU B 407 -14.60 4.52 0.19
CA GLU B 407 -14.65 4.47 0.13
C GLU B 407 -15.34 4.15 1.49
C GLU B 407 -15.32 4.14 1.46
N VAL B 408 -16.09 3.06 1.41
CA VAL B 408 -16.69 2.42 2.59
C VAL B 408 -16.33 0.94 2.47
N ALA B 409 -16.25 0.20 3.57
CA ALA B 409 -15.85 -1.20 3.52
C ALA B 409 -16.19 -1.92 4.79
N CYS B 410 -16.39 -3.22 4.70
CA CYS B 410 -16.58 -4.06 5.90
C CYS B 410 -15.48 -3.80 6.95
N ASP B 411 -14.21 -3.77 6.50
CA ASP B 411 -13.12 -3.64 7.49
C ASP B 411 -13.07 -2.27 8.10
N TYR B 412 -13.56 -1.27 7.39
CA TYR B 412 -13.59 0.10 7.92
C TYR B 412 -14.48 0.20 9.14
N ASN B 413 -15.58 -0.58 9.19
CA ASN B 413 -16.53 -0.56 10.29
C ASN B 413 -16.24 -1.49 11.43
N ALA B 414 -15.25 -2.36 11.28
CA ALA B 414 -15.11 -3.46 12.25
C ALA B 414 -14.55 -3.02 13.59
N GLY B 415 -13.42 -2.31 13.56
CA GLY B 415 -12.88 -1.77 14.82
C GLY B 415 -13.78 -0.67 15.35
N PHE B 416 -14.26 0.19 14.46
CA PHE B 416 -15.21 1.26 14.77
C PHE B 416 -16.39 0.76 15.59
N GLN B 417 -17.03 -0.31 15.19
CA GLN B 417 -18.21 -0.79 15.92
C GLN B 417 -17.86 -1.24 17.31
N GLY B 418 -16.72 -1.95 17.45
CA GLY B 418 -16.27 -2.33 18.79
C GLY B 418 -15.85 -1.17 19.65
N ALA B 419 -15.25 -0.15 19.05
CA ALA B 419 -14.86 1.04 19.77
C ALA B 419 -16.09 1.74 20.32
N LEU B 420 -17.18 1.74 19.59
CA LEU B 420 -18.42 2.35 20.07
C LEU B 420 -18.93 1.58 21.29
N ALA B 421 -18.88 0.25 21.21
CA ALA B 421 -19.30 -0.57 22.35
C ALA B 421 -18.41 -0.27 23.58
N GLY B 422 -17.11 -0.16 23.35
CA GLY B 422 -16.23 0.18 24.45
C GLY B 422 -16.52 1.53 25.08
N ILE B 423 -16.76 2.53 24.26
CA ILE B 423 -17.10 3.86 24.76
C ILE B 423 -18.41 3.80 25.56
N LEU B 424 -19.37 3.00 25.10
CA LEU B 424 -20.64 2.84 25.81
C LEU B 424 -20.52 2.23 27.25
N GLN B 425 -19.40 1.55 27.52
CA GLN B 425 -19.16 1.08 28.90
C GLN B 425 -18.45 2.09 29.79
N LEU B 426 -18.09 3.27 29.28
CA LEU B 426 -17.24 4.12 30.16
C LEU B 426 -18.07 5.00 31.07
#